data_3UIT
#
_entry.id   3UIT
#
_cell.length_a   145.194
_cell.length_b   145.194
_cell.length_c   202.547
_cell.angle_alpha   90.00
_cell.angle_beta   90.00
_cell.angle_gamma   120.00
#
_symmetry.space_group_name_H-M   'P 61 2 2'
#
loop_
_entity.id
_entity.type
_entity.pdbx_description
1 polymer 'InaD-like protein, MAGUK p55 subfamily member 5, Protein lin-7 homolog B'
2 non-polymer 'ACETATE ION'
3 water water
#
_entity_poly.entity_id   1
_entity_poly.type   'polypeptide(L)'
_entity_poly.pdbx_seq_one_letter_code
;MPENPAAEKMQVLQVLDRLRGKLQEKGDTTQNEKLSAFYETLKSPLFNQILTLQQSIKQLKGQLSHIPLEVLFQGPVKIL
EIEDLFSSLKHIQHTLVDSQSQEDISLLLQLVQNKDFQNAFKIHNAITVHMNKASPPFPLISNAQDLAQEVQTVLKPVHH
KEGQELTALLNTPHIQALLLAHDKVAEQEMGGGLEVLFQGPALVEPLGLERDVSRAVELLERLQRSGELPPQKLQALQRV
LQSRFCSAIREVYEQLYDTLDITGS
;
_entity_poly.pdbx_strand_id   A,B,C,D
#
loop_
_chem_comp.id
_chem_comp.type
_chem_comp.name
_chem_comp.formula
ACT non-polymer 'ACETATE ION' 'C2 H3 O2 -1'
#
# COMPACT_ATOMS: atom_id res chain seq x y z
N GLU A 8 26.76 -22.84 -0.53
CA GLU A 8 27.14 -21.53 0.00
C GLU A 8 26.46 -20.40 -0.77
N LYS A 9 26.19 -19.29 -0.08
CA LYS A 9 25.56 -18.14 -0.72
C LYS A 9 26.52 -17.43 -1.68
N MET A 10 25.98 -16.54 -2.51
CA MET A 10 26.79 -15.80 -3.46
C MET A 10 28.07 -15.29 -2.81
N GLN A 11 29.16 -15.35 -3.58
CA GLN A 11 30.43 -14.81 -3.13
C GLN A 11 30.28 -13.33 -2.76
N VAL A 12 29.54 -12.58 -3.57
CA VAL A 12 29.41 -11.15 -3.33
C VAL A 12 28.82 -10.85 -1.97
N LEU A 13 27.84 -11.66 -1.54
CA LEU A 13 27.25 -11.49 -0.22
C LEU A 13 28.27 -11.80 0.86
N GLN A 14 29.01 -12.89 0.69
CA GLN A 14 30.05 -13.25 1.65
C GLN A 14 31.10 -12.14 1.72
N VAL A 15 31.42 -11.57 0.56
CA VAL A 15 32.36 -10.46 0.49
C VAL A 15 31.91 -9.26 1.32
N LEU A 16 30.65 -8.87 1.18
CA LEU A 16 30.11 -7.76 1.98
C LEU A 16 30.20 -8.04 3.48
N ASP A 17 29.99 -9.30 3.85
CA ASP A 17 30.11 -9.68 5.26
C ASP A 17 31.53 -9.41 5.77
N ARG A 18 32.50 -9.97 5.07
CA ARG A 18 33.91 -9.80 5.43
C ARG A 18 34.29 -8.33 5.48
N LEU A 19 33.98 -7.59 4.42
CA LEU A 19 34.33 -6.17 4.36
C LEU A 19 33.79 -5.37 5.55
N ARG A 20 32.51 -5.53 5.87
CA ARG A 20 31.92 -4.82 7.02
C ARG A 20 32.60 -5.17 8.33
N GLY A 21 33.02 -6.42 8.45
CA GLY A 21 33.74 -6.86 9.64
C GLY A 21 35.12 -6.21 9.69
N LYS A 22 35.81 -6.24 8.55
CA LYS A 22 37.16 -5.67 8.47
C LYS A 22 37.15 -4.17 8.71
N LEU A 23 36.06 -3.49 8.33
CA LEU A 23 35.95 -2.06 8.58
C LEU A 23 35.73 -1.77 10.06
N GLN A 24 35.10 -2.74 10.75
CA GLN A 24 34.92 -2.65 12.19
C GLN A 24 36.27 -2.71 12.90
N GLU A 25 37.08 -3.70 12.53
CA GLU A 25 38.44 -3.87 13.03
C GLU A 25 39.31 -2.65 12.69
N LYS A 26 39.08 -2.08 11.52
CA LYS A 26 39.79 -0.88 11.09
C LYS A 26 39.27 0.34 11.86
N GLY A 27 38.08 0.20 12.43
CA GLY A 27 37.53 1.24 13.28
C GLY A 27 36.91 2.39 12.50
N ASP A 28 36.53 2.12 11.26
CA ASP A 28 35.85 3.13 10.46
C ASP A 28 34.33 2.97 10.56
N THR A 29 33.77 2.07 9.76
CA THR A 29 32.33 1.74 9.81
C THR A 29 31.39 2.89 9.40
N THR A 30 31.95 3.94 8.81
CA THR A 30 31.12 5.04 8.31
C THR A 30 30.38 4.61 7.04
N GLN A 31 30.87 3.55 6.40
CA GLN A 31 30.27 3.05 5.16
C GLN A 31 29.43 1.79 5.37
N ASN A 32 29.36 1.30 6.61
CA ASN A 32 28.72 0.01 6.85
C ASN A 32 27.21 -0.04 6.56
N GLU A 33 26.53 1.08 6.75
CA GLU A 33 25.09 1.13 6.51
C GLU A 33 24.78 1.08 5.02
N LYS A 34 25.59 1.76 4.22
CA LYS A 34 25.46 1.70 2.76
C LYS A 34 25.79 0.30 2.24
N LEU A 35 26.82 -0.32 2.80
CA LEU A 35 27.20 -1.68 2.45
C LEU A 35 26.06 -2.64 2.76
N SER A 36 25.33 -2.34 3.84
CA SER A 36 24.18 -3.15 4.25
C SER A 36 22.97 -2.93 3.35
N ALA A 37 22.76 -1.69 2.92
CA ALA A 37 21.69 -1.39 1.97
C ALA A 37 21.98 -2.06 0.62
N PHE A 38 23.27 -2.20 0.32
CA PHE A 38 23.74 -2.87 -0.89
C PHE A 38 23.46 -4.38 -0.81
N TYR A 39 23.79 -4.97 0.33
CA TYR A 39 23.52 -6.39 0.62
C TYR A 39 22.03 -6.69 0.44
N GLU A 40 21.20 -5.83 1.01
CA GLU A 40 19.75 -6.02 0.95
C GLU A 40 19.19 -5.94 -0.46
N THR A 41 19.75 -5.05 -1.26
CA THR A 41 19.35 -4.97 -2.67
C THR A 41 19.80 -6.20 -3.42
N LEU A 42 21.06 -6.60 -3.21
CA LEU A 42 21.59 -7.80 -3.82
C LEU A 42 20.76 -9.02 -3.43
N LYS A 43 20.31 -9.06 -2.18
CA LYS A 43 19.52 -10.18 -1.69
C LYS A 43 18.04 -10.14 -2.10
N SER A 44 17.52 -8.97 -2.42
CA SER A 44 16.08 -8.86 -2.60
C SER A 44 15.58 -9.67 -3.79
N PRO A 45 14.45 -10.37 -3.60
CA PRO A 45 13.82 -11.17 -4.66
C PRO A 45 13.53 -10.33 -5.93
N LEU A 46 13.07 -9.10 -5.75
CA LEU A 46 12.79 -8.22 -6.89
C LEU A 46 14.06 -7.95 -7.70
N PHE A 47 15.14 -7.57 -7.02
CA PHE A 47 16.36 -7.23 -7.75
C PHE A 47 16.93 -8.45 -8.48
N ASN A 48 16.92 -9.58 -7.80
CA ASN A 48 17.40 -10.81 -8.41
C ASN A 48 16.63 -11.16 -9.67
N GLN A 49 15.31 -11.08 -9.64
CA GLN A 49 14.55 -11.43 -10.81
C GLN A 49 14.85 -10.47 -11.96
N ILE A 50 14.97 -9.18 -11.64
CA ILE A 50 15.26 -8.16 -12.65
C ILE A 50 16.62 -8.42 -13.30
N LEU A 51 17.63 -8.70 -12.48
CA LEU A 51 18.98 -8.97 -12.98
C LEU A 51 19.00 -10.19 -13.89
N THR A 52 18.33 -11.26 -13.47
CA THR A 52 18.27 -12.50 -14.25
C THR A 52 17.61 -12.25 -15.60
N LEU A 53 16.55 -11.46 -15.59
CA LEU A 53 15.88 -11.02 -16.82
C LEU A 53 16.83 -10.22 -17.73
N GLN A 54 17.49 -9.20 -17.17
CA GLN A 54 18.45 -8.36 -17.90
C GLN A 54 19.55 -9.19 -18.54
N GLN A 55 20.06 -10.13 -17.77
CA GLN A 55 21.18 -10.97 -18.21
C GLN A 55 20.74 -12.00 -19.23
N SER A 56 19.54 -12.54 -19.06
CA SER A 56 19.11 -13.71 -19.83
C SER A 56 18.46 -13.36 -21.17
N ILE A 57 17.77 -12.23 -21.24
CA ILE A 57 17.02 -11.88 -22.45
C ILE A 57 17.42 -10.51 -22.98
N LYS A 58 18.40 -10.52 -23.89
CA LYS A 58 18.94 -9.30 -24.47
C LYS A 58 17.92 -8.47 -25.24
N GLN A 59 16.92 -9.12 -25.83
CA GLN A 59 15.88 -8.41 -26.58
C GLN A 59 15.00 -7.49 -25.70
N LEU A 60 15.10 -7.63 -24.37
CA LEU A 60 14.35 -6.75 -23.47
C LEU A 60 14.92 -5.33 -23.55
N LYS A 61 14.11 -4.40 -24.04
CA LYS A 61 14.60 -3.08 -24.37
C LYS A 61 13.77 -1.99 -23.70
N GLY A 62 14.37 -0.81 -23.57
CA GLY A 62 13.71 0.34 -22.99
C GLY A 62 13.52 0.18 -21.49
N GLN A 63 12.61 0.97 -20.93
CA GLN A 63 12.35 0.94 -19.51
C GLN A 63 11.50 -0.27 -19.16
N LEU A 64 11.84 -0.92 -18.05
CA LEU A 64 11.07 -2.04 -17.52
C LEU A 64 10.36 -1.68 -16.22
N SER A 65 10.63 -0.49 -15.69
CA SER A 65 10.08 -0.09 -14.39
C SER A 65 8.58 0.17 -14.41
N HIS A 66 7.98 0.20 -15.59
CA HIS A 66 6.54 0.37 -15.66
C HIS A 66 5.83 -0.99 -15.50
N ILE A 67 6.62 -2.04 -15.33
CA ILE A 67 6.06 -3.36 -15.14
C ILE A 67 5.97 -3.65 -13.64
N PRO A 68 4.77 -4.03 -13.18
CA PRO A 68 4.53 -4.20 -11.74
C PRO A 68 5.09 -5.52 -11.24
N LEU A 69 6.39 -5.72 -11.43
CA LEU A 69 7.09 -6.91 -10.90
C LEU A 69 6.93 -7.07 -9.40
N GLU A 70 6.74 -5.96 -8.69
CA GLU A 70 6.60 -6.02 -7.25
C GLU A 70 5.37 -6.80 -6.79
N VAL A 71 4.43 -7.04 -7.70
CA VAL A 71 3.25 -7.85 -7.38
C VAL A 71 3.67 -9.29 -7.01
N LEU A 72 4.80 -9.72 -7.58
CA LEU A 72 5.31 -11.08 -7.42
C LEU A 72 6.59 -11.16 -6.61
N PHE A 73 7.30 -10.05 -6.46
CA PHE A 73 8.62 -10.09 -5.83
C PHE A 73 8.81 -8.98 -4.80
N GLN A 74 9.22 -9.37 -3.59
CA GLN A 74 9.47 -8.41 -2.53
C GLN A 74 10.77 -7.67 -2.79
N GLY A 75 10.81 -6.40 -2.41
CA GLY A 75 12.03 -5.60 -2.48
C GLY A 75 12.31 -4.96 -1.13
N PRO A 76 13.44 -4.24 -1.02
CA PRO A 76 13.88 -3.68 0.27
C PRO A 76 13.20 -2.34 0.52
N VAL A 77 13.25 -1.85 1.76
CA VAL A 77 12.65 -0.55 2.04
C VAL A 77 13.61 0.60 1.67
N LYS A 78 14.91 0.36 1.80
CA LYS A 78 15.93 1.37 1.55
C LYS A 78 16.52 1.27 0.15
N ILE A 79 16.63 2.40 -0.53
CA ILE A 79 17.21 2.47 -1.87
C ILE A 79 18.57 3.17 -1.78
N LEU A 80 19.57 2.67 -2.50
CA LEU A 80 20.80 3.48 -2.64
C LEU A 80 21.07 3.92 -4.07
N GLU A 81 21.53 5.16 -4.21
CA GLU A 81 21.88 5.70 -5.52
C GLU A 81 23.20 5.08 -5.95
N ILE A 82 23.28 4.66 -7.20
CA ILE A 82 24.45 4.01 -7.74
C ILE A 82 25.75 4.81 -7.51
N GLU A 83 25.64 6.13 -7.53
CA GLU A 83 26.83 6.99 -7.41
C GLU A 83 27.38 7.02 -5.99
N ASP A 84 26.48 7.03 -5.03
CA ASP A 84 26.85 6.86 -3.62
C ASP A 84 27.50 5.49 -3.41
N LEU A 85 26.92 4.47 -4.03
CA LEU A 85 27.45 3.11 -3.92
C LEU A 85 28.87 3.02 -4.49
N PHE A 86 29.07 3.62 -5.67
CA PHE A 86 30.41 3.67 -6.25
C PHE A 86 31.32 4.42 -5.28
N SER A 87 30.84 5.57 -4.83
CA SER A 87 31.56 6.45 -3.92
C SER A 87 32.05 5.71 -2.66
N SER A 88 31.14 4.94 -2.03
CA SER A 88 31.48 4.19 -0.82
C SER A 88 32.53 3.13 -1.09
N LEU A 89 32.36 2.39 -2.18
CA LEU A 89 33.32 1.34 -2.54
C LEU A 89 34.73 1.93 -2.69
N LYS A 90 34.82 3.12 -3.28
CA LYS A 90 36.11 3.76 -3.52
C LYS A 90 36.73 4.21 -2.22
N HIS A 91 35.94 4.83 -1.36
CA HIS A 91 36.40 5.21 -0.03
C HIS A 91 36.99 4.03 0.71
N ILE A 92 36.25 2.93 0.71
CA ILE A 92 36.70 1.70 1.36
C ILE A 92 37.96 1.17 0.72
N GLN A 93 38.11 1.37 -0.58
CA GLN A 93 39.28 0.88 -1.29
C GLN A 93 40.53 1.60 -0.78
N HIS A 94 40.35 2.84 -0.36
CA HIS A 94 41.47 3.64 0.18
C HIS A 94 41.69 3.32 1.66
N THR A 95 40.70 2.70 2.28
CA THR A 95 40.69 2.49 3.72
C THR A 95 41.27 1.13 4.16
N LEU A 96 40.86 0.05 3.50
CA LEU A 96 41.36 -1.28 3.83
C LEU A 96 42.52 -1.65 2.93
N VAL A 97 43.72 -1.75 3.51
CA VAL A 97 44.93 -1.93 2.71
C VAL A 97 45.35 -3.39 2.59
N ASP A 98 44.64 -4.30 3.25
CA ASP A 98 45.04 -5.70 3.27
C ASP A 98 44.72 -6.43 1.96
N SER A 99 45.45 -7.52 1.72
CA SER A 99 45.36 -8.28 0.47
C SER A 99 43.94 -8.70 0.11
N GLN A 100 43.27 -9.39 1.04
CA GLN A 100 41.93 -9.91 0.77
C GLN A 100 40.92 -8.80 0.50
N SER A 101 40.94 -7.75 1.32
CA SER A 101 40.02 -6.63 1.16
C SER A 101 40.20 -5.94 -0.19
N GLN A 102 41.45 -5.70 -0.57
CA GLN A 102 41.76 -5.14 -1.88
C GLN A 102 41.15 -5.98 -2.99
N GLU A 103 41.30 -7.30 -2.87
CA GLU A 103 40.74 -8.23 -3.85
C GLU A 103 39.20 -8.17 -3.86
N ASP A 104 38.61 -8.17 -2.66
CA ASP A 104 37.15 -8.13 -2.49
C ASP A 104 36.53 -6.85 -3.05
N ILE A 105 37.15 -5.72 -2.75
CA ILE A 105 36.69 -4.43 -3.25
C ILE A 105 36.78 -4.39 -4.78
N SER A 106 37.85 -4.94 -5.33
CA SER A 106 37.97 -5.05 -6.78
C SER A 106 36.77 -5.79 -7.37
N LEU A 107 36.39 -6.90 -6.72
CA LEU A 107 35.24 -7.69 -7.15
C LEU A 107 33.96 -6.85 -7.16
N LEU A 108 33.73 -6.12 -6.09
CA LEU A 108 32.54 -5.29 -5.96
C LEU A 108 32.54 -4.15 -6.97
N LEU A 109 33.72 -3.62 -7.26
CA LEU A 109 33.82 -2.52 -8.21
C LEU A 109 33.54 -3.03 -9.61
N GLN A 110 34.05 -4.21 -9.92
CA GLN A 110 33.78 -4.82 -11.21
C GLN A 110 32.26 -5.03 -11.38
N LEU A 111 31.61 -5.54 -10.35
CA LEU A 111 30.18 -5.83 -10.41
C LEU A 111 29.37 -4.56 -10.70
N VAL A 112 29.66 -3.50 -9.97
CA VAL A 112 28.97 -2.23 -10.13
C VAL A 112 29.20 -1.60 -11.51
N GLN A 113 30.33 -1.92 -12.13
CA GLN A 113 30.68 -1.43 -13.47
C GLN A 113 29.91 -2.16 -14.57
N ASN A 114 29.54 -3.40 -14.28
CA ASN A 114 28.86 -4.25 -15.25
C ASN A 114 27.59 -3.59 -15.79
N LYS A 115 27.44 -3.55 -17.11
CA LYS A 115 26.33 -2.82 -17.71
C LYS A 115 24.94 -3.35 -17.35
N ASP A 116 24.81 -4.68 -17.28
CA ASP A 116 23.54 -5.32 -16.91
C ASP A 116 23.23 -5.08 -15.43
N PHE A 117 24.25 -5.13 -14.59
CA PHE A 117 24.04 -4.82 -13.19
C PHE A 117 23.50 -3.42 -13.03
N GLN A 118 24.08 -2.47 -13.78
CA GLN A 118 23.66 -1.08 -13.67
C GLN A 118 22.22 -0.88 -14.11
N ASN A 119 21.82 -1.51 -15.22
CA ASN A 119 20.43 -1.37 -15.64
C ASN A 119 19.43 -2.03 -14.68
N ALA A 120 19.79 -3.17 -14.12
CA ALA A 120 18.90 -3.89 -13.20
C ALA A 120 18.70 -3.06 -11.93
N PHE A 121 19.80 -2.47 -11.48
CA PHE A 121 19.80 -1.58 -10.35
C PHE A 121 18.87 -0.38 -10.58
N LYS A 122 18.99 0.25 -11.75
CA LYS A 122 18.14 1.41 -12.04
C LYS A 122 16.66 1.04 -12.09
N ILE A 123 16.35 -0.08 -12.74
CA ILE A 123 14.98 -0.56 -12.82
C ILE A 123 14.45 -0.88 -11.42
N HIS A 124 15.24 -1.61 -10.67
CA HIS A 124 14.87 -1.96 -9.30
C HIS A 124 14.51 -0.72 -8.45
N ASN A 125 15.35 0.30 -8.52
CA ASN A 125 15.14 1.50 -7.71
C ASN A 125 13.93 2.29 -8.20
N ALA A 126 13.70 2.30 -9.52
CA ALA A 126 12.54 3.00 -10.07
C ALA A 126 11.20 2.37 -9.67
N ILE A 127 11.19 1.05 -9.49
CA ILE A 127 10.00 0.37 -8.94
C ILE A 127 9.90 0.54 -7.42
N THR A 128 11.01 0.29 -6.73
CA THR A 128 10.99 0.30 -5.26
C THR A 128 10.60 1.67 -4.66
N VAL A 129 10.95 2.75 -5.35
CA VAL A 129 10.66 4.10 -4.82
C VAL A 129 9.15 4.30 -4.63
N HIS A 130 8.36 3.55 -5.38
CA HIS A 130 6.92 3.61 -5.25
C HIS A 130 6.37 2.66 -4.19
N MET A 131 7.15 1.65 -3.84
CA MET A 131 6.68 0.57 -2.98
C MET A 131 7.19 0.64 -1.53
N ASN A 132 8.15 1.52 -1.26
CA ASN A 132 8.77 1.55 0.05
C ASN A 132 8.24 2.67 0.96
N LYS A 133 7.11 3.27 0.58
CA LYS A 133 6.62 4.44 1.32
C LYS A 133 5.57 4.05 2.36
N ALA A 134 5.57 4.79 3.46
CA ALA A 134 4.53 4.65 4.47
C ALA A 134 3.27 5.40 4.04
N SER A 135 2.46 5.88 4.99
CA SER A 135 1.20 6.53 4.65
C SER A 135 1.42 7.92 4.06
N PRO A 136 0.67 8.27 2.99
CA PRO A 136 0.87 9.61 2.39
C PRO A 136 0.57 10.70 3.43
N PRO A 137 1.40 11.75 3.48
CA PRO A 137 1.26 12.80 4.51
C PRO A 137 0.07 13.71 4.22
N PHE A 138 -0.44 14.38 5.25
CA PHE A 138 -1.48 15.38 5.06
C PHE A 138 -0.97 16.72 5.57
N PRO A 139 -1.43 17.81 4.95
CA PRO A 139 -0.94 19.13 5.36
C PRO A 139 -1.36 19.44 6.80
N LEU A 140 -0.46 20.02 7.60
CA LEU A 140 -0.81 20.39 8.97
C LEU A 140 -1.62 21.68 9.06
N ILE A 141 -1.59 22.49 8.01
CA ILE A 141 -2.49 23.63 7.87
C ILE A 141 -2.78 23.87 6.40
N SER A 142 -3.83 24.62 6.09
CA SER A 142 -4.15 24.88 4.68
C SER A 142 -3.62 26.22 4.18
N ASN A 143 -3.17 27.07 5.10
CA ASN A 143 -2.72 28.42 4.71
C ASN A 143 -1.34 28.81 5.26
N ALA A 144 -0.30 28.09 4.83
CA ALA A 144 1.08 28.38 5.24
C ALA A 144 1.53 29.79 4.86
N GLN A 145 1.07 30.29 3.70
CA GLN A 145 1.48 31.62 3.26
C GLN A 145 0.91 32.66 4.22
N ASP A 146 -0.32 32.47 4.66
CA ASP A 146 -0.94 33.40 5.60
C ASP A 146 -0.25 33.34 6.97
N LEU A 147 0.07 32.12 7.40
CA LEU A 147 0.81 31.91 8.64
C LEU A 147 2.16 32.62 8.59
N ALA A 148 2.88 32.46 7.47
CA ALA A 148 4.18 33.13 7.33
C ALA A 148 4.06 34.66 7.43
N GLN A 149 3.00 35.21 6.86
CA GLN A 149 2.77 36.65 6.92
C GLN A 149 2.44 37.06 8.36
N GLU A 150 1.67 36.23 9.05
CA GLU A 150 1.33 36.53 10.45
C GLU A 150 2.57 36.48 11.34
N VAL A 151 3.45 35.53 11.07
CA VAL A 151 4.73 35.48 11.80
C VAL A 151 5.52 36.77 11.57
N GLN A 152 5.54 37.23 10.32
CA GLN A 152 6.24 38.47 9.99
C GLN A 152 5.65 39.65 10.74
N THR A 153 4.32 39.74 10.78
CA THR A 153 3.68 40.86 11.49
C THR A 153 4.03 40.81 12.97
N VAL A 154 4.04 39.61 13.54
CA VAL A 154 4.42 39.45 14.95
C VAL A 154 5.87 39.91 15.19
N LEU A 155 6.73 39.71 14.20
CA LEU A 155 8.17 39.96 14.37
C LEU A 155 8.54 41.42 14.19
N LYS A 156 7.82 42.10 13.31
CA LYS A 156 8.14 43.45 12.87
C LYS A 156 8.45 44.47 13.98
N PRO A 157 7.64 44.50 15.05
CA PRO A 157 7.89 45.50 16.10
C PRO A 157 9.11 45.17 16.97
N VAL A 158 9.59 43.93 16.94
CA VAL A 158 10.53 43.43 17.95
C VAL A 158 11.94 44.01 17.86
N HIS A 159 12.39 44.29 16.64
CA HIS A 159 13.73 44.83 16.39
C HIS A 159 14.81 43.77 16.60
N HIS A 160 14.38 42.55 16.90
CA HIS A 160 15.29 41.42 17.05
C HIS A 160 16.02 41.17 15.72
N LYS A 161 17.33 41.01 15.78
CA LYS A 161 18.15 40.81 14.58
C LYS A 161 17.90 39.44 13.93
N GLU A 162 17.64 38.43 14.75
CA GLU A 162 17.25 37.14 14.22
C GLU A 162 15.87 37.23 13.57
N GLY A 163 15.09 38.20 14.03
CA GLY A 163 13.77 38.42 13.47
C GLY A 163 13.87 39.04 12.08
N GLN A 164 14.77 40.00 11.95
CA GLN A 164 15.03 40.63 10.66
C GLN A 164 15.52 39.59 9.64
N GLU A 165 16.45 38.74 10.07
CA GLU A 165 16.92 37.65 9.21
C GLU A 165 15.79 36.71 8.79
N LEU A 166 15.00 36.30 9.78
CA LEU A 166 13.89 35.42 9.49
C LEU A 166 12.88 36.05 8.51
N THR A 167 12.55 37.33 8.67
CA THR A 167 11.52 37.87 7.76
C THR A 167 12.09 38.01 6.35
N ALA A 168 13.39 38.31 6.23
CA ALA A 168 14.05 38.30 4.94
C ALA A 168 13.99 36.91 4.29
N LEU A 169 14.31 35.86 5.04
CA LEU A 169 14.20 34.50 4.51
C LEU A 169 12.79 34.22 4.02
N LEU A 170 11.80 34.60 4.81
CA LEU A 170 10.42 34.32 4.47
C LEU A 170 9.99 35.13 3.25
N ASN A 171 10.75 36.18 2.94
CA ASN A 171 10.51 37.02 1.77
C ASN A 171 11.26 36.62 0.48
N THR A 172 12.15 35.63 0.57
CA THR A 172 12.84 35.20 -0.64
C THR A 172 11.88 34.56 -1.62
N PRO A 173 12.21 34.65 -2.92
CA PRO A 173 11.39 34.04 -3.96
C PRO A 173 11.19 32.55 -3.71
N HIS A 174 12.23 31.82 -3.34
CA HIS A 174 12.11 30.36 -3.20
C HIS A 174 11.33 29.94 -1.96
N ILE A 175 11.50 30.65 -0.84
CA ILE A 175 10.69 30.33 0.34
C ILE A 175 9.24 30.70 0.09
N GLN A 176 9.02 31.86 -0.54
CA GLN A 176 7.67 32.22 -0.94
C GLN A 176 7.06 31.16 -1.84
N ALA A 177 7.85 30.63 -2.77
CA ALA A 177 7.34 29.60 -3.67
C ALA A 177 7.04 28.28 -2.94
N LEU A 178 7.88 27.92 -1.98
CA LEU A 178 7.64 26.74 -1.16
C LEU A 178 6.28 26.82 -0.46
N LEU A 179 6.02 27.96 0.17
CA LEU A 179 4.76 28.12 0.89
C LEU A 179 3.57 28.12 -0.07
N LEU A 180 3.75 28.72 -1.25
CA LEU A 180 2.70 28.70 -2.27
C LEU A 180 2.46 27.27 -2.71
N ALA A 181 3.55 26.55 -3.00
CA ALA A 181 3.43 25.15 -3.40
C ALA A 181 2.71 24.34 -2.32
N HIS A 182 3.08 24.57 -1.06
CA HIS A 182 2.42 23.89 0.06
C HIS A 182 0.90 24.08 0.01
N ASP A 183 0.46 25.33 -0.14
CA ASP A 183 -0.97 25.63 -0.10
C ASP A 183 -1.71 25.14 -1.35
N LYS A 184 -1.05 25.20 -2.50
CA LYS A 184 -1.65 24.70 -3.73
C LYS A 184 -1.79 23.17 -3.68
N VAL A 185 -0.75 22.47 -3.28
CA VAL A 185 -0.81 21.02 -3.19
C VAL A 185 -1.84 20.62 -2.12
N ALA A 186 -1.93 21.40 -1.05
CA ALA A 186 -2.89 21.10 0.01
C ALA A 186 -4.34 21.12 -0.49
N GLU A 187 -4.62 21.87 -1.56
CA GLU A 187 -5.97 21.96 -2.10
C GLU A 187 -6.45 20.64 -2.71
N GLN A 188 -5.52 19.92 -3.32
CA GLN A 188 -5.77 18.54 -3.76
C GLN A 188 -6.81 18.46 -4.88
N GLU A 189 -7.40 19.60 -5.20
CA GLU A 189 -8.29 19.75 -6.34
C GLU A 189 -7.88 21.04 -7.06
N MET A 190 -6.74 21.58 -6.64
CA MET A 190 -6.08 22.67 -7.33
C MET A 190 -5.24 22.06 -8.45
N GLY A 191 -5.28 20.74 -8.54
CA GLY A 191 -4.55 20.02 -9.55
C GLY A 191 -3.09 19.84 -9.19
N GLY A 192 -2.35 20.95 -9.09
CA GLY A 192 -0.90 20.95 -8.97
C GLY A 192 -0.32 21.81 -7.84
N GLY A 193 0.70 22.59 -8.14
CA GLY A 193 1.42 23.32 -7.12
C GLY A 193 2.94 23.25 -7.22
N LEU A 194 3.49 22.08 -7.55
CA LEU A 194 4.94 21.92 -7.57
C LEU A 194 5.59 22.84 -8.59
N GLU A 195 4.87 23.13 -9.67
CA GLU A 195 5.45 23.91 -10.76
C GLU A 195 5.89 25.34 -10.34
N VAL A 196 5.33 25.85 -9.27
CA VAL A 196 5.68 27.24 -8.90
C VAL A 196 7.11 27.31 -8.39
N LEU A 197 7.66 26.17 -8.00
CA LEU A 197 9.02 26.16 -7.47
C LEU A 197 10.05 26.26 -8.59
N PHE A 198 9.58 26.26 -9.84
CA PHE A 198 10.48 26.27 -11.00
C PHE A 198 10.35 27.55 -11.82
N GLN A 199 9.47 28.46 -11.41
CA GLN A 199 9.20 29.68 -12.16
C GLN A 199 10.09 30.88 -11.77
N GLY A 200 10.88 31.34 -12.73
CA GLY A 200 11.65 32.56 -12.55
C GLY A 200 12.64 32.51 -11.40
N PRO A 201 12.64 33.56 -10.57
CA PRO A 201 13.60 33.69 -9.47
C PRO A 201 13.34 32.66 -8.38
N ALA A 202 12.19 31.98 -8.42
CA ALA A 202 11.83 31.01 -7.39
C ALA A 202 12.73 29.78 -7.45
N LEU A 203 13.24 29.49 -8.65
CA LEU A 203 14.08 28.30 -8.87
C LEU A 203 15.44 28.44 -8.19
N VAL A 204 15.78 27.47 -7.35
CA VAL A 204 17.03 27.50 -6.63
C VAL A 204 17.54 26.07 -6.53
N GLU A 205 18.85 25.89 -6.35
CA GLU A 205 19.39 24.56 -6.11
C GLU A 205 18.74 24.01 -4.86
N PRO A 206 18.33 22.73 -4.89
CA PRO A 206 17.70 22.09 -3.74
C PRO A 206 18.51 22.26 -2.45
N LEU A 207 19.84 22.28 -2.53
CA LEU A 207 20.63 22.49 -1.31
C LEU A 207 20.47 23.90 -0.73
N GLY A 208 20.34 24.89 -1.60
CA GLY A 208 20.12 26.27 -1.16
C GLY A 208 18.76 26.35 -0.49
N LEU A 209 17.76 25.73 -1.11
CA LEU A 209 16.42 25.65 -0.53
C LEU A 209 16.46 25.01 0.85
N GLU A 210 17.07 23.83 0.94
CA GLU A 210 17.20 23.14 2.21
C GLU A 210 17.94 23.97 3.24
N ARG A 211 19.04 24.63 2.86
CA ARG A 211 19.77 25.43 3.82
C ARG A 211 18.91 26.57 4.39
N ASP A 212 18.16 27.24 3.52
CA ASP A 212 17.29 28.33 3.97
C ASP A 212 16.12 27.86 4.83
N VAL A 213 15.55 26.71 4.48
CA VAL A 213 14.47 26.17 5.29
C VAL A 213 15.02 25.74 6.66
N SER A 214 16.15 25.06 6.66
CA SER A 214 16.81 24.70 7.93
C SER A 214 17.14 25.92 8.78
N ARG A 215 17.63 26.98 8.14
CA ARG A 215 17.97 28.20 8.88
C ARG A 215 16.73 28.90 9.48
N ALA A 216 15.64 28.93 8.72
CA ALA A 216 14.40 29.55 9.20
C ALA A 216 13.90 28.82 10.44
N VAL A 217 13.98 27.49 10.39
CA VAL A 217 13.61 26.64 11.53
C VAL A 217 14.49 26.93 12.74
N GLU A 218 15.79 27.09 12.51
CA GLU A 218 16.72 27.41 13.59
C GLU A 218 16.41 28.77 14.25
N LEU A 219 16.15 29.77 13.43
CA LEU A 219 15.77 31.10 13.89
C LEU A 219 14.42 31.09 14.63
N LEU A 220 13.44 30.35 14.11
CA LEU A 220 12.16 30.22 14.80
C LEU A 220 12.36 29.60 16.18
N GLU A 221 13.19 28.56 16.27
CA GLU A 221 13.50 27.97 17.56
C GLU A 221 14.16 28.97 18.51
N ARG A 222 15.21 29.65 18.02
CA ARG A 222 15.89 30.63 18.85
C ARG A 222 14.94 31.71 19.33
N LEU A 223 13.99 32.09 18.48
CA LEU A 223 13.07 33.18 18.81
C LEU A 223 12.06 32.76 19.88
N GLN A 224 11.66 31.49 19.86
CA GLN A 224 10.82 30.94 20.94
C GLN A 224 11.61 30.83 22.23
N ARG A 225 12.91 30.52 22.13
CA ARG A 225 13.75 30.42 23.33
C ARG A 225 13.92 31.78 24.02
N SER A 226 13.88 32.87 23.24
CA SER A 226 14.10 34.20 23.78
C SER A 226 13.01 34.62 24.78
N GLY A 227 11.78 34.17 24.52
CA GLY A 227 10.67 34.49 25.39
C GLY A 227 10.27 35.96 25.32
N GLU A 228 10.70 36.65 24.27
CA GLU A 228 10.35 38.07 24.14
C GLU A 228 9.27 38.35 23.09
N LEU A 229 8.61 37.29 22.62
CA LEU A 229 7.37 37.46 21.86
C LEU A 229 6.47 36.24 22.05
N PRO A 230 5.18 36.37 21.70
CA PRO A 230 4.31 35.20 21.82
C PRO A 230 4.77 34.08 20.88
N PRO A 231 4.99 32.87 21.40
CA PRO A 231 5.56 31.73 20.67
C PRO A 231 4.63 30.96 19.71
N GLN A 232 3.33 30.92 20.00
CA GLN A 232 2.36 30.13 19.21
C GLN A 232 2.60 30.08 17.69
N LYS A 233 2.64 31.25 17.04
CA LYS A 233 2.70 31.26 15.57
C LYS A 233 4.06 30.81 15.06
N LEU A 234 5.09 31.09 15.86
CA LEU A 234 6.44 30.71 15.50
C LEU A 234 6.55 29.20 15.55
N GLN A 235 6.06 28.60 16.63
CA GLN A 235 6.01 27.13 16.74
C GLN A 235 5.24 26.52 15.58
N ALA A 236 4.09 27.12 15.25
CA ALA A 236 3.27 26.58 14.18
C ALA A 236 4.00 26.61 12.82
N LEU A 237 4.65 27.73 12.51
CA LEU A 237 5.36 27.81 11.22
C LEU A 237 6.53 26.82 11.21
N GLN A 238 7.19 26.69 12.35
CA GLN A 238 8.28 25.74 12.50
C GLN A 238 7.83 24.33 12.17
N ARG A 239 6.68 23.95 12.71
CA ARG A 239 6.13 22.61 12.49
C ARG A 239 5.62 22.44 11.08
N VAL A 240 5.14 23.51 10.46
CA VAL A 240 4.73 23.40 9.08
C VAL A 240 5.96 23.10 8.21
N LEU A 241 7.04 23.85 8.44
CA LEU A 241 8.26 23.67 7.67
C LEU A 241 8.88 22.28 7.91
N GLN A 242 8.74 21.77 9.13
CA GLN A 242 9.28 20.45 9.46
C GLN A 242 8.33 19.31 9.14
N SER A 243 7.13 19.63 8.70
CA SER A 243 6.08 18.61 8.58
C SER A 243 6.44 17.58 7.51
N ARG A 244 5.91 16.37 7.63
CA ARG A 244 6.09 15.37 6.58
C ARG A 244 5.60 15.87 5.23
N PHE A 245 4.48 16.60 5.22
CA PHE A 245 3.89 17.09 3.99
C PHE A 245 4.87 18.05 3.32
N CYS A 246 5.37 19.02 4.08
CA CYS A 246 6.31 19.99 3.51
C CYS A 246 7.63 19.30 3.09
N SER A 247 8.07 18.32 3.88
CA SER A 247 9.28 17.58 3.60
C SER A 247 9.15 16.79 2.29
N ALA A 248 7.96 16.20 2.07
CA ALA A 248 7.70 15.51 0.81
C ALA A 248 7.75 16.45 -0.38
N ILE A 249 7.18 17.65 -0.21
CA ILE A 249 7.26 18.62 -1.30
C ILE A 249 8.73 18.92 -1.64
N ARG A 250 9.55 19.12 -0.62
CA ARG A 250 10.99 19.40 -0.83
C ARG A 250 11.76 18.20 -1.41
N GLU A 251 11.42 17.00 -0.96
CA GLU A 251 12.05 15.81 -1.52
C GLU A 251 11.73 15.67 -3.00
N VAL A 252 10.47 15.86 -3.35
CA VAL A 252 10.03 15.70 -4.73
C VAL A 252 10.64 16.80 -5.59
N TYR A 253 10.66 18.02 -5.05
CA TYR A 253 11.36 19.12 -5.73
C TYR A 253 12.80 18.72 -6.11
N GLU A 254 13.54 18.17 -5.16
CA GLU A 254 14.93 17.82 -5.43
C GLU A 254 15.02 16.81 -6.56
N GLN A 255 14.10 15.85 -6.53
CA GLN A 255 14.10 14.80 -7.54
C GLN A 255 13.74 15.38 -8.87
N LEU A 256 12.80 16.32 -8.89
CA LEU A 256 12.45 16.97 -10.15
C LEU A 256 13.62 17.82 -10.67
N TYR A 257 14.26 18.56 -9.77
CA TYR A 257 15.38 19.41 -10.17
C TYR A 257 16.46 18.54 -10.81
N ASP A 258 16.64 17.35 -10.24
CA ASP A 258 17.73 16.49 -10.68
C ASP A 258 17.53 16.00 -12.10
N THR A 259 16.27 15.95 -12.55
CA THR A 259 15.95 15.48 -13.90
C THR A 259 15.86 16.61 -14.90
N LEU A 260 16.07 17.85 -14.47
CA LEU A 260 16.06 18.96 -15.41
C LEU A 260 17.12 18.69 -16.47
N ASP A 261 16.73 18.88 -17.72
CA ASP A 261 17.65 18.71 -18.83
C ASP A 261 17.77 20.06 -19.51
N ILE A 262 18.92 20.71 -19.33
CA ILE A 262 19.16 22.04 -19.91
C ILE A 262 19.62 21.92 -21.37
N THR A 263 18.97 21.01 -22.11
CA THR A 263 19.37 20.64 -23.46
C THR A 263 20.67 19.83 -23.44
N LYS B 9 -1.78 -32.64 0.69
CA LYS B 9 -2.22 -31.34 1.19
C LYS B 9 -3.44 -31.50 2.08
N MET B 10 -3.73 -30.47 2.88
CA MET B 10 -4.81 -30.51 3.85
C MET B 10 -6.08 -31.12 3.26
N GLN B 11 -6.73 -31.99 4.02
CA GLN B 11 -7.92 -32.69 3.58
C GLN B 11 -9.07 -31.72 3.28
N VAL B 12 -9.16 -30.65 4.06
CA VAL B 12 -10.23 -29.69 3.85
C VAL B 12 -10.10 -29.04 2.46
N LEU B 13 -8.87 -28.75 2.06
CA LEU B 13 -8.59 -28.20 0.73
C LEU B 13 -8.96 -29.19 -0.36
N GLN B 14 -8.62 -30.46 -0.17
CA GLN B 14 -9.01 -31.50 -1.12
C GLN B 14 -10.53 -31.63 -1.22
N VAL B 15 -11.20 -31.59 -0.07
CA VAL B 15 -12.67 -31.62 -0.04
C VAL B 15 -13.26 -30.49 -0.88
N LEU B 16 -12.71 -29.28 -0.72
CA LEU B 16 -13.17 -28.14 -1.49
C LEU B 16 -12.94 -28.33 -3.00
N ASP B 17 -11.84 -28.97 -3.37
CA ASP B 17 -11.61 -29.34 -4.78
C ASP B 17 -12.70 -30.29 -5.31
N ARG B 18 -13.02 -31.32 -4.54
CA ARG B 18 -14.01 -32.32 -4.99
C ARG B 18 -15.39 -31.71 -5.07
N LEU B 19 -15.81 -31.02 -4.02
CA LEU B 19 -17.14 -30.44 -3.97
C LEU B 19 -17.38 -29.50 -5.15
N ARG B 20 -16.43 -28.62 -5.43
CA ARG B 20 -16.61 -27.68 -6.53
C ARG B 20 -16.69 -28.42 -7.87
N GLY B 21 -15.94 -29.50 -7.99
CA GLY B 21 -15.95 -30.31 -9.19
C GLY B 21 -17.28 -30.99 -9.38
N LYS B 22 -17.84 -31.52 -8.29
CA LYS B 22 -19.14 -32.20 -8.35
C LYS B 22 -20.29 -31.22 -8.55
N LEU B 23 -20.10 -29.98 -8.12
CA LEU B 23 -21.05 -28.92 -8.39
C LEU B 23 -20.95 -28.49 -9.85
N GLN B 24 -19.74 -28.54 -10.39
CA GLN B 24 -19.53 -28.31 -11.81
C GLN B 24 -20.33 -29.33 -12.60
N GLU B 25 -20.34 -30.56 -12.12
CA GLU B 25 -21.06 -31.68 -12.72
C GLU B 25 -22.58 -31.54 -12.59
N LYS B 26 -23.05 -31.46 -11.35
CA LYS B 26 -24.48 -31.32 -11.06
C LYS B 26 -25.14 -30.16 -11.78
N GLY B 27 -24.33 -29.20 -12.22
CA GLY B 27 -24.85 -28.05 -12.93
C GLY B 27 -24.80 -26.75 -12.16
N ASP B 28 -25.09 -26.81 -10.86
CA ASP B 28 -25.15 -25.61 -10.03
C ASP B 28 -23.78 -25.16 -9.55
N THR B 29 -23.34 -24.00 -10.03
CA THR B 29 -22.05 -23.46 -9.64
C THR B 29 -22.19 -22.09 -9.01
N THR B 30 -23.40 -21.76 -8.54
CA THR B 30 -23.64 -20.47 -7.91
C THR B 30 -22.80 -20.28 -6.65
N GLN B 31 -22.49 -21.40 -5.97
CA GLN B 31 -21.72 -21.34 -4.73
C GLN B 31 -20.22 -21.49 -4.93
N ASN B 32 -19.79 -21.76 -6.16
CA ASN B 32 -18.39 -22.06 -6.44
C ASN B 32 -17.43 -20.90 -6.13
N GLU B 33 -17.88 -19.67 -6.34
CA GLU B 33 -17.04 -18.51 -6.06
C GLU B 33 -16.77 -18.36 -4.57
N LYS B 34 -17.80 -18.62 -3.76
CA LYS B 34 -17.65 -18.56 -2.31
C LYS B 34 -16.75 -19.69 -1.81
N LEU B 35 -16.96 -20.91 -2.32
CA LEU B 35 -16.09 -22.03 -1.96
C LEU B 35 -14.62 -21.75 -2.28
N SER B 36 -14.39 -21.04 -3.38
CA SER B 36 -13.04 -20.76 -3.81
C SER B 36 -12.44 -19.66 -2.94
N ALA B 37 -13.30 -18.76 -2.47
CA ALA B 37 -12.89 -17.72 -1.56
C ALA B 37 -12.52 -18.35 -0.21
N PHE B 38 -13.32 -19.32 0.19
CA PHE B 38 -13.06 -20.11 1.39
C PHE B 38 -11.72 -20.83 1.29
N TYR B 39 -11.45 -21.40 0.11
CA TYR B 39 -10.19 -22.12 -0.11
C TYR B 39 -9.01 -21.18 0.09
N GLU B 40 -9.11 -19.98 -0.48
CA GLU B 40 -8.00 -19.03 -0.43
C GLU B 40 -7.76 -18.52 0.98
N THR B 41 -8.83 -18.40 1.75
CA THR B 41 -8.70 -18.04 3.15
C THR B 41 -8.01 -19.14 3.94
N LEU B 42 -8.45 -20.39 3.74
CA LEU B 42 -7.85 -21.55 4.40
C LEU B 42 -6.37 -21.72 4.04
N LYS B 43 -6.00 -21.28 2.85
CA LYS B 43 -4.65 -21.48 2.37
C LYS B 43 -3.74 -20.33 2.78
N SER B 44 -4.33 -19.14 2.97
CA SER B 44 -3.50 -17.96 3.20
C SER B 44 -2.57 -18.11 4.41
N PRO B 45 -1.30 -17.69 4.24
CA PRO B 45 -0.38 -17.74 5.37
C PRO B 45 -0.93 -17.00 6.59
N LEU B 46 -1.60 -15.87 6.37
CA LEU B 46 -2.09 -15.05 7.47
C LEU B 46 -3.11 -15.84 8.27
N PHE B 47 -4.11 -16.40 7.60
CA PHE B 47 -5.11 -17.19 8.31
C PHE B 47 -4.49 -18.34 9.10
N ASN B 48 -3.57 -19.06 8.48
CA ASN B 48 -2.92 -20.18 9.17
C ASN B 48 -2.12 -19.80 10.41
N GLN B 49 -1.38 -18.70 10.37
CA GLN B 49 -0.70 -18.25 11.59
C GLN B 49 -1.70 -17.87 12.68
N ILE B 50 -2.77 -17.20 12.30
CA ILE B 50 -3.76 -16.80 13.30
C ILE B 50 -4.40 -18.03 13.96
N LEU B 51 -4.76 -19.01 13.15
CA LEU B 51 -5.38 -20.23 13.66
C LEU B 51 -4.44 -20.93 14.64
N THR B 52 -3.19 -21.08 14.22
CA THR B 52 -2.18 -21.72 15.02
C THR B 52 -1.97 -21.00 16.35
N LEU B 53 -2.07 -19.67 16.32
CA LEU B 53 -1.88 -18.90 17.55
C LEU B 53 -3.07 -19.13 18.47
N GLN B 54 -4.27 -19.06 17.91
CA GLN B 54 -5.50 -19.31 18.65
C GLN B 54 -5.49 -20.68 19.33
N GLN B 55 -4.96 -21.67 18.62
CA GLN B 55 -4.92 -23.06 19.11
C GLN B 55 -3.73 -23.33 20.04
N SER B 56 -2.65 -22.57 19.89
CA SER B 56 -1.43 -22.82 20.65
C SER B 56 -1.35 -21.96 21.91
N ILE B 57 -1.97 -20.81 21.85
CA ILE B 57 -1.95 -19.90 22.99
C ILE B 57 -3.36 -19.63 23.45
N LYS B 58 -3.82 -20.50 24.34
CA LYS B 58 -5.10 -20.35 25.00
C LYS B 58 -5.15 -18.99 25.72
N GLN B 59 -3.97 -18.44 26.00
CA GLN B 59 -3.84 -17.18 26.71
C GLN B 59 -4.00 -15.96 25.79
N LEU B 60 -4.26 -16.17 24.51
CA LEU B 60 -4.40 -15.04 23.61
C LEU B 60 -5.84 -14.57 23.49
N LYS B 61 -6.14 -13.44 24.12
CA LYS B 61 -7.49 -12.90 24.15
C LYS B 61 -7.53 -11.39 23.89
N GLY B 62 -8.65 -10.77 24.22
CA GLY B 62 -8.87 -9.36 23.94
C GLY B 62 -9.25 -9.15 22.49
N GLN B 63 -8.24 -9.18 21.62
CA GLN B 63 -8.41 -9.11 20.18
C GLN B 63 -7.04 -8.99 19.50
N LEU B 64 -6.77 -9.88 18.56
CA LEU B 64 -5.49 -9.95 17.87
C LEU B 64 -5.45 -9.04 16.64
N SER B 65 -6.61 -8.56 16.21
CA SER B 65 -6.68 -7.82 14.95
C SER B 65 -5.86 -6.53 14.96
N HIS B 66 -5.50 -6.06 16.15
CA HIS B 66 -4.77 -4.81 16.28
C HIS B 66 -3.27 -5.01 16.07
N ILE B 67 -2.88 -6.27 15.88
CA ILE B 67 -1.47 -6.59 15.68
C ILE B 67 -1.19 -6.74 14.18
N PRO B 68 -0.14 -6.08 13.69
CA PRO B 68 0.09 -6.06 12.25
C PRO B 68 0.78 -7.34 11.77
N LEU B 69 0.10 -8.47 11.97
CA LEU B 69 0.58 -9.76 11.47
C LEU B 69 0.82 -9.74 9.97
N GLU B 70 0.12 -8.85 9.27
CA GLU B 70 0.27 -8.76 7.80
C GLU B 70 1.67 -8.36 7.35
N VAL B 71 2.46 -7.82 8.27
CA VAL B 71 3.82 -7.42 7.98
C VAL B 71 4.64 -8.67 7.69
N LEU B 72 4.19 -9.79 8.23
CA LEU B 72 4.89 -11.07 8.11
C LEU B 72 4.14 -12.12 7.25
N PHE B 73 2.82 -12.01 7.14
CA PHE B 73 2.03 -13.04 6.47
C PHE B 73 1.05 -12.47 5.44
N GLN B 74 1.11 -12.96 4.21
CA GLN B 74 0.21 -12.49 3.15
C GLN B 74 -1.19 -13.05 3.42
N GLY B 75 -2.22 -12.29 3.07
CA GLY B 75 -3.59 -12.76 3.16
C GLY B 75 -4.21 -12.65 1.79
N PRO B 76 -5.48 -13.11 1.63
CA PRO B 76 -6.14 -13.04 0.33
C PRO B 76 -6.79 -11.68 0.11
N VAL B 77 -7.28 -11.46 -1.11
CA VAL B 77 -7.89 -10.18 -1.43
C VAL B 77 -9.39 -10.22 -1.13
N LYS B 78 -10.02 -11.36 -1.32
CA LYS B 78 -11.44 -11.48 -1.02
C LYS B 78 -11.65 -12.06 0.36
N ILE B 79 -12.56 -11.46 1.11
CA ILE B 79 -12.97 -12.05 2.37
C ILE B 79 -14.46 -12.38 2.34
N LEU B 80 -14.85 -13.41 3.06
CA LEU B 80 -16.26 -13.72 3.18
C LEU B 80 -16.64 -13.76 4.66
N GLU B 81 -17.93 -13.61 4.94
CA GLU B 81 -18.40 -13.68 6.31
C GLU B 81 -18.83 -15.10 6.66
N ILE B 82 -18.81 -15.42 7.96
CA ILE B 82 -19.19 -16.75 8.44
C ILE B 82 -20.59 -17.09 7.95
N GLU B 83 -21.49 -16.12 8.02
CA GLU B 83 -22.87 -16.32 7.57
C GLU B 83 -22.88 -16.76 6.11
N ASP B 84 -22.02 -16.14 5.29
CA ASP B 84 -21.92 -16.50 3.88
C ASP B 84 -21.46 -17.94 3.70
N LEU B 85 -20.49 -18.34 4.52
CA LEU B 85 -20.02 -19.72 4.51
C LEU B 85 -21.16 -20.69 4.79
N PHE B 86 -21.89 -20.46 5.88
CA PHE B 86 -23.02 -21.32 6.24
C PHE B 86 -24.05 -21.39 5.12
N SER B 87 -24.44 -20.21 4.63
CA SER B 87 -25.43 -20.13 3.57
C SER B 87 -24.96 -20.96 2.38
N SER B 88 -23.71 -20.76 2.00
CA SER B 88 -23.11 -21.52 0.91
C SER B 88 -23.20 -23.03 1.16
N LEU B 89 -22.81 -23.47 2.35
CA LEU B 89 -22.79 -24.89 2.64
C LEU B 89 -24.21 -25.48 2.61
N LYS B 90 -25.18 -24.66 2.98
CA LYS B 90 -26.55 -25.15 3.00
C LYS B 90 -27.14 -25.29 1.60
N HIS B 91 -26.87 -24.33 0.73
CA HIS B 91 -27.33 -24.43 -0.64
C HIS B 91 -26.67 -25.63 -1.35
N ILE B 92 -25.40 -25.87 -1.04
CA ILE B 92 -24.72 -27.05 -1.57
C ILE B 92 -25.28 -28.36 -1.02
N GLN B 93 -25.65 -28.35 0.26
CA GLN B 93 -26.22 -29.54 0.88
C GLN B 93 -27.49 -29.93 0.15
N HIS B 94 -28.11 -28.95 -0.51
CA HIS B 94 -29.33 -29.16 -1.27
C HIS B 94 -29.04 -29.65 -2.68
N THR B 95 -27.99 -29.11 -3.30
CA THR B 95 -27.66 -29.40 -4.68
C THR B 95 -27.00 -30.77 -4.83
N LEU B 96 -26.16 -31.12 -3.87
CA LEU B 96 -25.38 -32.37 -3.93
C LEU B 96 -25.96 -33.45 -3.03
N VAL B 97 -26.53 -34.48 -3.64
CA VAL B 97 -27.16 -35.56 -2.89
C VAL B 97 -26.23 -36.76 -2.75
N ASP B 98 -25.16 -36.74 -3.53
CA ASP B 98 -24.13 -37.78 -3.52
C ASP B 98 -23.76 -38.25 -2.10
N SER B 99 -23.29 -39.49 -2.00
CA SER B 99 -22.86 -40.05 -0.71
C SER B 99 -21.64 -39.33 -0.13
N GLN B 100 -20.60 -39.17 -0.94
CA GLN B 100 -19.39 -38.48 -0.52
C GLN B 100 -19.67 -37.02 -0.20
N SER B 101 -20.25 -36.30 -1.16
CA SER B 101 -20.56 -34.88 -1.01
C SER B 101 -21.25 -34.55 0.32
N GLN B 102 -22.18 -35.39 0.75
CA GLN B 102 -22.86 -35.19 2.02
C GLN B 102 -21.89 -35.37 3.19
N GLU B 103 -20.96 -36.30 3.04
CA GLU B 103 -19.89 -36.51 4.00
C GLU B 103 -18.92 -35.33 3.97
N ASP B 104 -18.56 -34.87 2.77
CA ASP B 104 -17.68 -33.72 2.62
C ASP B 104 -18.32 -32.46 3.24
N ILE B 105 -19.60 -32.23 2.93
CA ILE B 105 -20.29 -31.07 3.46
C ILE B 105 -20.39 -31.17 4.99
N SER B 106 -20.51 -32.39 5.47
CA SER B 106 -20.53 -32.67 6.90
C SER B 106 -19.24 -32.21 7.57
N LEU B 107 -18.11 -32.59 6.99
CA LEU B 107 -16.82 -32.23 7.54
C LEU B 107 -16.60 -30.71 7.51
N LEU B 108 -17.03 -30.07 6.43
CA LEU B 108 -16.98 -28.62 6.33
C LEU B 108 -17.82 -27.93 7.41
N LEU B 109 -19.02 -28.45 7.66
CA LEU B 109 -19.91 -27.84 8.64
C LEU B 109 -19.29 -27.95 10.03
N GLN B 110 -18.59 -29.05 10.26
CA GLN B 110 -17.86 -29.28 11.49
C GLN B 110 -16.85 -28.15 11.70
N LEU B 111 -16.11 -27.85 10.64
CA LEU B 111 -15.09 -26.83 10.67
C LEU B 111 -15.71 -25.46 10.93
N VAL B 112 -16.70 -25.09 10.12
CA VAL B 112 -17.28 -23.75 10.18
C VAL B 112 -17.93 -23.47 11.54
N GLN B 113 -18.33 -24.52 12.25
CA GLN B 113 -19.00 -24.37 13.54
C GLN B 113 -18.02 -24.32 14.71
N ASN B 114 -16.81 -24.83 14.50
CA ASN B 114 -15.78 -24.84 15.52
C ASN B 114 -15.42 -23.43 16.02
N LYS B 115 -15.27 -23.26 17.33
CA LYS B 115 -15.12 -21.92 17.90
C LYS B 115 -13.76 -21.28 17.65
N ASP B 116 -12.70 -22.08 17.68
CA ASP B 116 -11.37 -21.58 17.35
C ASP B 116 -11.34 -21.13 15.90
N PHE B 117 -12.05 -21.87 15.04
CA PHE B 117 -12.09 -21.51 13.63
C PHE B 117 -12.81 -20.19 13.44
N GLN B 118 -13.98 -20.08 14.05
CA GLN B 118 -14.75 -18.85 13.92
C GLN B 118 -13.96 -17.65 14.42
N ASN B 119 -13.23 -17.81 15.51
CA ASN B 119 -12.47 -16.69 16.08
C ASN B 119 -11.29 -16.26 15.20
N ALA B 120 -10.56 -17.24 14.66
CA ALA B 120 -9.44 -17.00 13.76
C ALA B 120 -9.95 -16.35 12.49
N PHE B 121 -11.11 -16.80 12.05
CA PHE B 121 -11.76 -16.26 10.86
C PHE B 121 -12.08 -14.78 11.03
N LYS B 122 -12.67 -14.42 12.17
CA LYS B 122 -13.01 -13.02 12.44
C LYS B 122 -11.77 -12.15 12.51
N ILE B 123 -10.76 -12.59 13.25
CA ILE B 123 -9.49 -11.87 13.36
C ILE B 123 -8.84 -11.65 11.99
N HIS B 124 -8.78 -12.72 11.20
CA HIS B 124 -8.25 -12.67 9.84
C HIS B 124 -8.92 -11.62 8.98
N ASN B 125 -10.25 -11.63 9.00
CA ASN B 125 -11.06 -10.67 8.26
C ASN B 125 -10.93 -9.23 8.77
N ALA B 126 -10.80 -9.07 10.09
CA ALA B 126 -10.60 -7.74 10.67
C ALA B 126 -9.26 -7.13 10.26
N ILE B 127 -8.25 -7.97 10.07
CA ILE B 127 -6.98 -7.46 9.55
C ILE B 127 -7.07 -7.23 8.05
N THR B 128 -7.60 -8.22 7.34
CA THR B 128 -7.58 -8.23 5.88
C THR B 128 -8.36 -7.07 5.21
N VAL B 129 -9.37 -6.57 5.91
CA VAL B 129 -10.18 -5.46 5.40
C VAL B 129 -9.36 -4.18 5.21
N HIS B 130 -8.25 -4.06 5.94
CA HIS B 130 -7.37 -2.92 5.74
C HIS B 130 -6.30 -3.16 4.66
N MET B 131 -6.02 -4.43 4.35
CA MET B 131 -4.84 -4.80 3.54
C MET B 131 -5.18 -5.17 2.10
N ASN B 132 -6.47 -5.35 1.83
CA ASN B 132 -6.93 -5.80 0.51
C ASN B 132 -7.50 -4.70 -0.38
N LYS B 133 -7.21 -3.44 -0.03
CA LYS B 133 -7.69 -2.29 -0.82
C LYS B 133 -6.70 -1.77 -1.85
N ALA B 134 -7.23 -1.36 -3.00
CA ALA B 134 -6.44 -0.68 -3.99
C ALA B 134 -6.28 0.79 -3.54
N SER B 135 -6.11 1.69 -4.50
CA SER B 135 -5.86 3.10 -4.16
C SER B 135 -7.12 3.80 -3.63
N PRO B 136 -6.96 4.61 -2.56
CA PRO B 136 -8.09 5.39 -2.03
C PRO B 136 -8.75 6.22 -3.14
N PRO B 137 -10.07 6.20 -3.18
CA PRO B 137 -10.77 6.91 -4.26
C PRO B 137 -10.70 8.43 -4.05
N PHE B 138 -10.81 9.20 -5.14
CA PHE B 138 -10.92 10.65 -5.01
C PHE B 138 -12.30 11.07 -5.53
N PRO B 139 -12.84 12.17 -5.01
CA PRO B 139 -14.17 12.57 -5.50
C PRO B 139 -14.15 13.02 -6.96
N LEU B 140 -15.14 12.62 -7.74
CA LEU B 140 -15.18 13.04 -9.15
C LEU B 140 -15.50 14.52 -9.32
N ILE B 141 -16.31 15.06 -8.41
CA ILE B 141 -16.59 16.49 -8.35
C ILE B 141 -16.70 16.87 -6.89
N SER B 142 -16.64 18.16 -6.58
CA SER B 142 -16.70 18.58 -5.17
C SER B 142 -18.06 19.13 -4.79
N ASN B 143 -18.98 19.23 -5.75
CA ASN B 143 -20.29 19.85 -5.49
C ASN B 143 -21.47 19.00 -5.98
N ALA B 144 -21.59 17.79 -5.45
CA ALA B 144 -22.67 16.89 -5.86
C ALA B 144 -24.06 17.45 -5.53
N GLN B 145 -24.16 18.17 -4.42
CA GLN B 145 -25.43 18.78 -4.04
C GLN B 145 -25.85 19.84 -5.08
N ASP B 146 -24.90 20.65 -5.53
CA ASP B 146 -25.24 21.64 -6.57
C ASP B 146 -25.58 20.95 -7.90
N LEU B 147 -24.87 19.88 -8.22
CA LEU B 147 -25.14 19.09 -9.42
C LEU B 147 -26.56 18.51 -9.39
N ALA B 148 -26.93 17.93 -8.26
CA ALA B 148 -28.23 17.30 -8.13
C ALA B 148 -29.32 18.37 -8.31
N GLN B 149 -29.05 19.57 -7.83
CA GLN B 149 -29.98 20.68 -8.02
C GLN B 149 -30.06 21.12 -9.49
N GLU B 150 -28.91 21.15 -10.17
CA GLU B 150 -28.88 21.48 -11.58
C GLU B 150 -29.70 20.48 -12.37
N VAL B 151 -29.59 19.21 -12.00
CA VAL B 151 -30.38 18.14 -12.63
C VAL B 151 -31.87 18.34 -12.43
N GLN B 152 -32.27 18.64 -11.20
CA GLN B 152 -33.70 18.85 -10.93
C GLN B 152 -34.25 20.00 -11.77
N THR B 153 -33.45 21.04 -11.97
CA THR B 153 -33.91 22.14 -12.83
C THR B 153 -34.03 21.70 -14.29
N VAL B 154 -33.13 20.83 -14.74
CA VAL B 154 -33.21 20.28 -16.08
C VAL B 154 -34.48 19.46 -16.25
N LEU B 155 -34.88 18.76 -15.20
CA LEU B 155 -36.07 17.92 -15.23
C LEU B 155 -37.38 18.70 -15.15
N LYS B 156 -37.32 19.96 -14.71
CA LYS B 156 -38.54 20.74 -14.44
C LYS B 156 -39.53 20.77 -15.60
N PRO B 157 -39.09 21.24 -16.78
CA PRO B 157 -40.03 21.44 -17.89
C PRO B 157 -40.39 20.19 -18.67
N VAL B 158 -40.59 19.05 -18.00
CA VAL B 158 -41.05 17.84 -18.68
C VAL B 158 -42.09 17.08 -17.87
N HIS B 159 -42.15 17.37 -16.57
CA HIS B 159 -43.08 16.69 -15.66
C HIS B 159 -43.28 15.23 -16.04
N HIS B 160 -42.18 14.60 -16.46
CA HIS B 160 -42.18 13.18 -16.80
C HIS B 160 -42.59 12.39 -15.56
N LYS B 161 -43.17 11.22 -15.77
CA LYS B 161 -43.49 10.32 -14.66
C LYS B 161 -42.18 9.87 -14.00
N GLU B 162 -41.23 9.43 -14.81
CA GLU B 162 -39.92 9.05 -14.31
C GLU B 162 -39.11 10.28 -13.94
N GLY B 163 -39.41 11.41 -14.58
CA GLY B 163 -38.76 12.67 -14.24
C GLY B 163 -39.17 13.13 -12.86
N GLN B 164 -40.46 12.94 -12.54
CA GLN B 164 -40.97 13.29 -11.21
C GLN B 164 -40.48 12.32 -10.16
N GLU B 165 -40.43 11.04 -10.53
CA GLU B 165 -39.93 10.03 -9.61
C GLU B 165 -38.47 10.29 -9.23
N LEU B 166 -37.66 10.67 -10.21
CA LEU B 166 -36.24 10.97 -9.93
C LEU B 166 -36.08 12.17 -9.02
N THR B 167 -36.82 13.26 -9.28
CA THR B 167 -36.66 14.44 -8.43
C THR B 167 -37.08 14.13 -6.98
N ALA B 168 -38.10 13.28 -6.83
CA ALA B 168 -38.52 12.84 -5.50
C ALA B 168 -37.40 12.07 -4.80
N LEU B 169 -36.77 11.12 -5.49
CA LEU B 169 -35.63 10.41 -4.93
C LEU B 169 -34.54 11.37 -4.49
N LEU B 170 -34.21 12.33 -5.34
CA LEU B 170 -33.15 13.27 -5.03
C LEU B 170 -33.47 14.16 -3.84
N ASN B 171 -34.76 14.29 -3.53
CA ASN B 171 -35.18 15.10 -2.39
C ASN B 171 -35.47 14.26 -1.14
N THR B 172 -35.31 12.94 -1.20
CA THR B 172 -35.41 12.15 0.02
C THR B 172 -34.30 12.53 1.01
N PRO B 173 -34.57 12.39 2.30
CA PRO B 173 -33.61 12.77 3.34
C PRO B 173 -32.31 11.97 3.24
N HIS B 174 -32.39 10.69 2.92
CA HIS B 174 -31.16 9.90 2.82
C HIS B 174 -30.34 10.20 1.55
N ILE B 175 -31.01 10.43 0.42
CA ILE B 175 -30.25 10.81 -0.76
C ILE B 175 -29.66 12.19 -0.56
N GLN B 176 -30.43 13.10 0.04
CA GLN B 176 -29.89 14.41 0.37
C GLN B 176 -28.68 14.31 1.30
N ALA B 177 -28.77 13.47 2.32
CA ALA B 177 -27.64 13.25 3.24
C ALA B 177 -26.42 12.62 2.55
N LEU B 178 -26.66 11.70 1.62
CA LEU B 178 -25.58 11.07 0.88
C LEU B 178 -24.81 12.13 0.07
N LEU B 179 -25.55 13.00 -0.61
CA LEU B 179 -24.93 14.06 -1.40
C LEU B 179 -24.19 15.03 -0.50
N LEU B 180 -24.76 15.32 0.66
CA LEU B 180 -24.09 16.19 1.62
C LEU B 180 -22.81 15.54 2.15
N ALA B 181 -22.90 14.26 2.49
CA ALA B 181 -21.73 13.51 2.98
C ALA B 181 -20.65 13.46 1.90
N HIS B 182 -21.09 13.25 0.66
CA HIS B 182 -20.16 13.21 -0.46
C HIS B 182 -19.31 14.49 -0.49
N ASP B 183 -19.98 15.64 -0.44
CA ASP B 183 -19.31 16.93 -0.50
C ASP B 183 -18.50 17.28 0.75
N LYS B 184 -19.00 16.91 1.93
CA LYS B 184 -18.22 17.13 3.16
C LYS B 184 -16.95 16.28 3.18
N VAL B 185 -17.06 15.01 2.85
CA VAL B 185 -15.89 14.14 2.84
C VAL B 185 -14.91 14.62 1.77
N ALA B 186 -15.42 15.03 0.62
CA ALA B 186 -14.56 15.58 -0.44
C ALA B 186 -13.70 16.77 0.02
N GLU B 187 -14.13 17.50 1.05
CA GLU B 187 -13.28 18.53 1.69
C GLU B 187 -12.40 17.80 2.70
N GLN B 188 -11.19 17.45 2.30
CA GLN B 188 -10.42 16.44 3.02
C GLN B 188 -9.61 17.00 4.20
N GLU B 189 -10.28 17.75 5.08
CA GLU B 189 -9.64 18.33 6.26
C GLU B 189 -10.20 17.74 7.55
N MET B 190 -10.35 18.58 8.58
CA MET B 190 -10.77 18.11 9.91
C MET B 190 -12.22 17.62 9.95
N GLY B 191 -12.79 17.38 8.78
CA GLY B 191 -14.02 16.61 8.68
C GLY B 191 -13.68 15.12 8.71
N GLY B 192 -14.71 14.29 8.73
CA GLY B 192 -16.07 14.78 8.79
C GLY B 192 -16.88 14.52 7.55
N GLY B 193 -18.14 14.17 7.74
CA GLY B 193 -19.07 14.03 6.65
C GLY B 193 -19.99 12.84 6.85
N LEU B 194 -19.41 11.71 7.26
CA LEU B 194 -20.20 10.49 7.37
C LEU B 194 -21.31 10.62 8.39
N GLU B 195 -21.09 11.44 9.41
CA GLU B 195 -22.06 11.52 10.49
C GLU B 195 -23.44 12.03 10.01
N VAL B 196 -23.46 12.80 8.90
CA VAL B 196 -24.73 13.41 8.48
C VAL B 196 -25.71 12.35 8.01
N LEU B 197 -25.18 11.19 7.64
CA LEU B 197 -26.00 10.07 7.23
C LEU B 197 -26.80 9.46 8.38
N PHE B 198 -26.41 9.79 9.61
CA PHE B 198 -27.03 9.20 10.78
C PHE B 198 -27.87 10.22 11.53
N GLN B 199 -28.00 11.42 10.98
CA GLN B 199 -28.71 12.50 11.66
C GLN B 199 -30.14 12.62 11.18
N GLY B 200 -31.09 12.43 12.10
CA GLY B 200 -32.49 12.59 11.81
C GLY B 200 -33.07 11.51 10.91
N PRO B 201 -33.98 11.90 10.01
CA PRO B 201 -34.65 10.98 9.07
C PRO B 201 -33.71 10.45 7.99
N ALA B 202 -32.52 11.02 7.86
CA ALA B 202 -31.51 10.51 6.93
C ALA B 202 -31.12 9.07 7.28
N LEU B 203 -31.12 8.74 8.57
CA LEU B 203 -30.77 7.39 9.02
C LEU B 203 -31.72 6.33 8.46
N VAL B 204 -31.23 5.55 7.50
CA VAL B 204 -32.09 4.56 6.86
C VAL B 204 -31.38 3.21 6.69
N GLU B 205 -32.15 2.16 6.54
CA GLU B 205 -31.60 0.84 6.28
C GLU B 205 -30.72 0.88 5.02
N PRO B 206 -29.49 0.32 5.12
CA PRO B 206 -28.56 0.28 3.99
C PRO B 206 -29.19 -0.30 2.72
N LEU B 207 -30.01 -1.33 2.85
CA LEU B 207 -30.67 -1.91 1.68
C LEU B 207 -31.58 -0.90 0.98
N GLY B 208 -32.24 -0.05 1.78
CA GLY B 208 -33.09 1.00 1.27
C GLY B 208 -32.29 2.07 0.53
N LEU B 209 -31.17 2.48 1.13
CA LEU B 209 -30.30 3.45 0.48
C LEU B 209 -29.83 2.92 -0.87
N GLU B 210 -29.33 1.67 -0.89
CA GLU B 210 -28.85 1.04 -2.13
C GLU B 210 -29.93 0.90 -3.19
N ARG B 211 -31.12 0.52 -2.74
CA ARG B 211 -32.28 0.45 -3.62
C ARG B 211 -32.53 1.81 -4.30
N ASP B 212 -32.59 2.87 -3.50
CA ASP B 212 -32.88 4.20 -4.03
C ASP B 212 -31.74 4.78 -4.87
N VAL B 213 -30.51 4.50 -4.49
CA VAL B 213 -29.39 4.92 -5.32
C VAL B 213 -29.42 4.21 -6.68
N SER B 214 -29.63 2.89 -6.68
CA SER B 214 -29.69 2.14 -7.93
C SER B 214 -30.87 2.61 -8.76
N ARG B 215 -31.97 2.92 -8.07
CA ARG B 215 -33.15 3.40 -8.77
C ARG B 215 -32.90 4.76 -9.44
N ALA B 216 -32.25 5.67 -8.71
CA ALA B 216 -31.91 6.98 -9.26
C ALA B 216 -31.01 6.84 -10.49
N VAL B 217 -30.07 5.90 -10.42
CA VAL B 217 -29.15 5.64 -11.53
C VAL B 217 -29.91 5.10 -12.76
N GLU B 218 -30.78 4.13 -12.53
CA GLU B 218 -31.63 3.57 -13.58
C GLU B 218 -32.48 4.68 -14.23
N LEU B 219 -33.10 5.52 -13.40
CA LEU B 219 -33.89 6.63 -13.93
C LEU B 219 -33.04 7.62 -14.72
N LEU B 220 -31.83 7.90 -14.24
CA LEU B 220 -30.93 8.82 -14.92
C LEU B 220 -30.60 8.28 -16.32
N GLU B 221 -30.33 6.98 -16.40
CA GLU B 221 -30.07 6.34 -17.70
C GLU B 221 -31.28 6.39 -18.63
N ARG B 222 -32.46 6.09 -18.09
CA ARG B 222 -33.65 6.08 -18.93
C ARG B 222 -33.91 7.44 -19.55
N LEU B 223 -33.78 8.49 -18.72
CA LEU B 223 -34.04 9.85 -19.17
C LEU B 223 -33.07 10.30 -20.24
N GLN B 224 -31.83 9.83 -20.17
CA GLN B 224 -30.83 10.12 -21.19
C GLN B 224 -31.16 9.41 -22.50
N ARG B 225 -31.60 8.15 -22.40
CA ARG B 225 -31.83 7.41 -23.62
C ARG B 225 -33.12 7.85 -24.30
N SER B 226 -33.94 8.60 -23.58
CA SER B 226 -35.20 9.09 -24.14
C SER B 226 -34.95 10.20 -25.18
N GLY B 227 -33.87 10.94 -25.01
CA GLY B 227 -33.51 11.99 -25.96
C GLY B 227 -34.31 13.29 -25.83
N GLU B 228 -35.14 13.37 -24.81
CA GLU B 228 -35.98 14.56 -24.63
C GLU B 228 -35.27 15.70 -23.90
N LEU B 229 -34.20 15.37 -23.19
CA LEU B 229 -33.46 16.35 -22.39
C LEU B 229 -31.99 16.41 -22.78
N PRO B 230 -31.33 17.54 -22.46
CA PRO B 230 -29.87 17.61 -22.60
C PRO B 230 -29.26 16.67 -21.56
N PRO B 231 -28.53 15.65 -22.01
CA PRO B 231 -28.08 14.59 -21.10
C PRO B 231 -26.86 14.93 -20.24
N GLN B 232 -26.15 16.02 -20.56
CA GLN B 232 -24.86 16.29 -19.91
C GLN B 232 -24.90 16.19 -18.39
N LYS B 233 -25.80 16.93 -17.77
CA LYS B 233 -25.90 16.95 -16.30
C LYS B 233 -26.38 15.64 -15.71
N LEU B 234 -27.26 14.95 -16.44
CA LEU B 234 -27.79 13.67 -15.98
C LEU B 234 -26.68 12.62 -15.98
N GLN B 235 -25.88 12.61 -17.03
CA GLN B 235 -24.72 11.71 -17.07
C GLN B 235 -23.79 12.03 -15.89
N ALA B 236 -23.49 13.31 -15.68
CA ALA B 236 -22.62 13.70 -14.56
C ALA B 236 -23.10 13.14 -13.22
N LEU B 237 -24.38 13.31 -12.92
CA LEU B 237 -24.92 12.86 -11.64
C LEU B 237 -24.87 11.33 -11.55
N GLN B 238 -25.21 10.68 -12.66
CA GLN B 238 -25.19 9.22 -12.71
C GLN B 238 -23.79 8.73 -12.34
N ARG B 239 -22.76 9.37 -12.89
CA ARG B 239 -21.38 8.94 -12.64
C ARG B 239 -20.91 9.25 -11.22
N VAL B 240 -21.39 10.35 -10.66
CA VAL B 240 -21.11 10.63 -9.26
C VAL B 240 -21.68 9.54 -8.38
N LEU B 241 -22.91 9.14 -8.67
CA LEU B 241 -23.57 8.12 -7.85
C LEU B 241 -22.90 6.76 -8.00
N GLN B 242 -22.34 6.50 -9.16
CA GLN B 242 -21.67 5.23 -9.45
C GLN B 242 -20.17 5.24 -9.10
N SER B 243 -19.64 6.40 -8.74
CA SER B 243 -18.20 6.56 -8.56
C SER B 243 -17.68 5.69 -7.42
N ARG B 244 -16.40 5.31 -7.51
CA ARG B 244 -15.74 4.65 -6.38
C ARG B 244 -15.83 5.43 -5.07
N PHE B 245 -15.74 6.75 -5.15
CA PHE B 245 -15.80 7.59 -3.95
C PHE B 245 -17.17 7.51 -3.27
N CYS B 246 -18.23 7.68 -4.04
CA CYS B 246 -19.59 7.56 -3.50
C CYS B 246 -19.87 6.14 -3.01
N SER B 247 -19.46 5.14 -3.79
CA SER B 247 -19.62 3.74 -3.38
C SER B 247 -18.90 3.44 -2.05
N ALA B 248 -17.70 3.99 -1.88
CA ALA B 248 -16.98 3.83 -0.62
C ALA B 248 -17.76 4.41 0.56
N ILE B 249 -18.33 5.59 0.38
CA ILE B 249 -19.16 6.19 1.43
C ILE B 249 -20.31 5.26 1.80
N ARG B 250 -20.98 4.71 0.79
CA ARG B 250 -22.13 3.86 1.06
C ARG B 250 -21.73 2.54 1.72
N GLU B 251 -20.58 2.00 1.32
CA GLU B 251 -20.10 0.78 1.94
C GLU B 251 -19.75 1.02 3.41
N VAL B 252 -19.05 2.11 3.70
CA VAL B 252 -18.70 2.40 5.07
C VAL B 252 -19.96 2.72 5.89
N TYR B 253 -20.93 3.36 5.24
CA TYR B 253 -22.20 3.62 5.92
C TYR B 253 -22.84 2.32 6.39
N GLU B 254 -22.87 1.33 5.50
CA GLU B 254 -23.49 0.06 5.84
C GLU B 254 -22.76 -0.62 7.00
N GLN B 255 -21.44 -0.63 6.96
CA GLN B 255 -20.67 -1.21 8.05
C GLN B 255 -20.93 -0.50 9.40
N LEU B 256 -20.95 0.83 9.38
CA LEU B 256 -21.28 1.57 10.59
C LEU B 256 -22.68 1.24 11.06
N TYR B 257 -23.60 1.19 10.10
CA TYR B 257 -24.99 0.89 10.43
C TYR B 257 -25.11 -0.45 11.13
N ASP B 258 -24.41 -1.44 10.60
CA ASP B 258 -24.43 -2.78 11.17
C ASP B 258 -23.93 -2.84 12.61
N THR B 259 -23.18 -1.83 13.04
CA THR B 259 -22.69 -1.81 14.43
C THR B 259 -23.70 -1.21 15.40
N LEU B 260 -24.78 -0.64 14.86
CA LEU B 260 -25.81 -0.07 15.70
C LEU B 260 -26.57 -1.19 16.40
N ASP B 261 -26.96 -0.93 17.65
CA ASP B 261 -27.77 -1.85 18.45
C ASP B 261 -28.04 -1.23 19.81
N LYS C 9 -11.82 22.93 17.80
CA LYS C 9 -10.62 22.09 17.81
C LYS C 9 -9.39 22.95 17.59
N MET C 10 -9.57 24.07 16.92
CA MET C 10 -8.46 24.96 16.61
C MET C 10 -7.86 25.51 17.89
N GLN C 11 -8.66 25.55 18.96
CA GLN C 11 -8.18 26.06 20.24
C GLN C 11 -7.16 25.12 20.91
N VAL C 12 -7.45 23.83 20.93
CA VAL C 12 -6.51 22.86 21.51
C VAL C 12 -5.21 22.80 20.68
N LEU C 13 -5.33 22.91 19.36
CA LEU C 13 -4.14 22.93 18.50
C LEU C 13 -3.23 24.11 18.83
N GLN C 14 -3.81 25.31 18.96
CA GLN C 14 -3.05 26.50 19.36
C GLN C 14 -2.41 26.33 20.73
N VAL C 15 -3.14 25.70 21.64
CA VAL C 15 -2.60 25.38 22.96
C VAL C 15 -1.29 24.57 22.84
N LEU C 16 -1.32 23.52 22.01
CA LEU C 16 -0.13 22.71 21.77
C LEU C 16 0.99 23.53 21.11
N ASP C 17 0.63 24.43 20.22
CA ASP C 17 1.59 25.40 19.66
C ASP C 17 2.27 26.21 20.75
N ARG C 18 1.48 26.84 21.61
CA ARG C 18 2.05 27.65 22.67
C ARG C 18 2.89 26.85 23.69
N LEU C 19 2.41 25.68 24.11
CA LEU C 19 3.12 24.87 25.09
C LEU C 19 4.52 24.46 24.62
N ARG C 20 4.60 23.96 23.39
CA ARG C 20 5.89 23.56 22.82
C ARG C 20 6.86 24.75 22.75
N GLY C 21 6.32 25.93 22.43
CA GLY C 21 7.12 27.16 22.42
C GLY C 21 7.56 27.55 23.82
N LYS C 22 6.65 27.46 24.77
CA LYS C 22 6.99 27.74 26.17
C LYS C 22 8.04 26.77 26.69
N LEU C 23 8.02 25.53 26.20
CA LEU C 23 8.98 24.53 26.66
C LEU C 23 10.36 24.82 26.09
N GLN C 24 10.40 25.26 24.83
CA GLN C 24 11.62 25.83 24.27
C GLN C 24 12.18 26.94 25.17
N GLU C 25 11.32 27.92 25.49
CA GLU C 25 11.70 29.04 26.33
C GLU C 25 12.22 28.59 27.69
N LYS C 26 11.62 27.52 28.22
CA LYS C 26 11.98 27.00 29.54
C LYS C 26 13.25 26.14 29.44
N GLY C 27 13.53 25.62 28.24
CA GLY C 27 14.72 24.83 28.03
C GLY C 27 14.55 23.33 28.17
N ASP C 28 13.29 22.88 28.31
CA ASP C 28 13.01 21.46 28.36
C ASP C 28 12.09 21.04 27.20
N THR C 29 12.71 20.59 26.12
CA THR C 29 11.96 20.18 24.93
C THR C 29 11.85 18.67 24.81
N THR C 30 12.11 17.96 25.90
CA THR C 30 12.09 16.48 25.89
C THR C 30 10.72 15.86 25.56
N GLN C 31 9.64 16.62 25.77
CA GLN C 31 8.29 16.13 25.44
C GLN C 31 7.75 16.69 24.12
N ASN C 32 8.51 17.56 23.47
CA ASN C 32 8.01 18.25 22.29
C ASN C 32 7.61 17.35 21.11
N GLU C 33 8.34 16.25 20.89
CA GLU C 33 7.96 15.32 19.81
C GLU C 33 6.64 14.63 20.08
N LYS C 34 6.45 14.21 21.32
CA LYS C 34 5.22 13.55 21.71
C LYS C 34 4.05 14.55 21.56
N LEU C 35 4.28 15.80 21.96
CA LEU C 35 3.24 16.82 21.81
C LEU C 35 2.93 17.05 20.33
N SER C 36 3.97 16.95 19.50
CA SER C 36 3.81 17.09 18.05
C SER C 36 3.04 15.93 17.44
N ALA C 37 3.31 14.72 17.92
CA ALA C 37 2.56 13.53 17.51
C ALA C 37 1.10 13.64 17.96
N PHE C 38 0.89 14.24 19.12
CA PHE C 38 -0.46 14.50 19.61
C PHE C 38 -1.15 15.53 18.69
N TYR C 39 -0.45 16.61 18.35
CA TYR C 39 -0.96 17.58 17.39
C TYR C 39 -1.41 16.86 16.09
N GLU C 40 -0.55 16.01 15.54
CA GLU C 40 -0.86 15.34 14.28
C GLU C 40 -2.05 14.40 14.35
N THR C 41 -2.21 13.73 15.48
CA THR C 41 -3.39 12.90 15.68
C THR C 41 -4.65 13.75 15.79
N LEU C 42 -4.58 14.84 16.56
CA LEU C 42 -5.72 15.76 16.67
C LEU C 42 -6.08 16.40 15.32
N LYS C 43 -5.07 16.62 14.49
CA LYS C 43 -5.26 17.23 13.18
C LYS C 43 -5.73 16.21 12.12
N SER C 44 -5.39 14.94 12.29
CA SER C 44 -5.65 13.95 11.23
C SER C 44 -7.14 13.84 10.87
N PRO C 45 -7.44 13.86 9.56
CA PRO C 45 -8.82 13.68 9.08
C PRO C 45 -9.46 12.45 9.71
N LEU C 46 -8.70 11.37 9.80
CA LEU C 46 -9.25 10.11 10.30
C LEU C 46 -9.66 10.23 11.74
N PHE C 47 -8.79 10.75 12.60
CA PHE C 47 -9.16 10.94 14.00
C PHE C 47 -10.38 11.82 14.13
N ASN C 48 -10.41 12.89 13.36
CA ASN C 48 -11.55 13.78 13.47
C ASN C 48 -12.88 13.15 13.10
N GLN C 49 -12.90 12.34 12.04
CA GLN C 49 -14.14 11.65 11.68
C GLN C 49 -14.55 10.66 12.76
N ILE C 50 -13.57 9.94 13.30
CA ILE C 50 -13.91 8.96 14.33
C ILE C 50 -14.48 9.63 15.58
N LEU C 51 -13.83 10.72 16.03
CA LEU C 51 -14.28 11.42 17.23
C LEU C 51 -15.69 11.94 16.99
N THR C 52 -15.92 12.48 15.81
CA THR C 52 -17.24 13.01 15.46
C THR C 52 -18.31 11.93 15.44
N LEU C 53 -17.97 10.76 14.89
CA LEU C 53 -18.90 9.63 14.90
C LEU C 53 -19.19 9.20 16.34
N GLN C 54 -18.11 9.06 17.11
CA GLN C 54 -18.16 8.62 18.51
C GLN C 54 -19.05 9.57 19.32
N GLN C 55 -18.80 10.86 19.19
CA GLN C 55 -19.56 11.85 19.99
C GLN C 55 -20.99 12.05 19.49
N SER C 56 -21.21 11.95 18.19
CA SER C 56 -22.50 12.30 17.58
C SER C 56 -23.52 11.17 17.50
N ILE C 57 -23.06 9.94 17.52
CA ILE C 57 -23.98 8.81 17.35
C ILE C 57 -23.81 7.79 18.48
N LYS C 58 -24.56 7.98 19.56
CA LYS C 58 -24.39 7.18 20.79
C LYS C 58 -24.62 5.69 20.58
N GLN C 59 -25.46 5.34 19.61
CA GLN C 59 -25.80 3.93 19.38
C GLN C 59 -24.65 3.11 18.80
N LEU C 60 -23.59 3.79 18.32
CA LEU C 60 -22.44 3.07 17.81
C LEU C 60 -21.78 2.27 18.93
N LYS C 61 -21.71 0.95 18.72
CA LYS C 61 -21.27 0.03 19.78
C LYS C 61 -20.12 -0.86 19.32
N GLY C 62 -19.26 -1.20 20.27
CA GLY C 62 -18.14 -2.09 20.00
C GLY C 62 -17.10 -1.52 19.06
N GLN C 63 -16.19 -2.40 18.65
CA GLN C 63 -15.08 -2.03 17.78
C GLN C 63 -15.57 -1.37 16.48
N LEU C 64 -14.99 -0.21 16.17
CA LEU C 64 -15.19 0.44 14.89
C LEU C 64 -13.94 0.25 14.02
N SER C 65 -12.89 -0.32 14.61
CA SER C 65 -11.61 -0.47 13.92
C SER C 65 -11.63 -1.47 12.78
N HIS C 66 -12.66 -2.30 12.72
CA HIS C 66 -12.80 -3.25 11.63
C HIS C 66 -13.36 -2.56 10.38
N ILE C 67 -13.76 -1.31 10.51
CA ILE C 67 -14.28 -0.54 9.38
C ILE C 67 -13.16 0.26 8.69
N PRO C 68 -13.03 0.12 7.36
CA PRO C 68 -11.91 0.72 6.62
C PRO C 68 -12.09 2.22 6.38
N LEU C 69 -12.24 2.99 7.47
CA LEU C 69 -12.40 4.43 7.37
C LEU C 69 -11.22 5.07 6.64
N GLU C 70 -10.06 4.41 6.72
CA GLU C 70 -8.87 4.94 6.06
C GLU C 70 -9.03 5.05 4.53
N VAL C 71 -10.00 4.35 3.97
CA VAL C 71 -10.27 4.45 2.54
C VAL C 71 -10.69 5.88 2.17
N LEU C 72 -11.20 6.61 3.16
CA LEU C 72 -11.79 7.93 2.95
C LEU C 72 -11.05 9.03 3.70
N PHE C 73 -10.28 8.66 4.72
CA PHE C 73 -9.60 9.64 5.57
C PHE C 73 -8.14 9.31 5.86
N GLN C 74 -7.26 10.28 5.61
CA GLN C 74 -5.83 10.14 5.91
C GLN C 74 -5.57 10.20 7.40
N GLY C 75 -4.59 9.42 7.87
CA GLY C 75 -4.16 9.47 9.24
C GLY C 75 -2.65 9.68 9.24
N PRO C 76 -2.06 9.84 10.42
CA PRO C 76 -0.63 10.07 10.56
C PRO C 76 0.18 8.77 10.47
N VAL C 77 1.47 8.89 10.21
CA VAL C 77 2.34 7.72 10.17
C VAL C 77 2.72 7.33 11.60
N LYS C 78 2.81 8.30 12.50
CA LYS C 78 3.22 7.98 13.86
C LYS C 78 2.03 7.90 14.81
N ILE C 79 1.95 6.84 15.61
CA ILE C 79 0.93 6.79 16.63
C ILE C 79 1.45 6.91 18.06
N LEU C 80 0.67 7.65 18.86
CA LEU C 80 0.98 7.91 20.25
C LEU C 80 0.03 7.05 21.06
N GLU C 81 0.55 6.31 22.03
CA GLU C 81 -0.33 5.56 22.92
C GLU C 81 -0.80 6.46 24.04
N ILE C 82 -2.04 6.25 24.48
CA ILE C 82 -2.68 7.14 25.45
C ILE C 82 -1.93 7.26 26.77
N GLU C 83 -1.39 6.16 27.26
CA GLU C 83 -0.59 6.19 28.49
C GLU C 83 0.64 7.08 28.34
N ASP C 84 1.22 7.10 27.14
CA ASP C 84 2.41 7.91 26.87
C ASP C 84 2.05 9.39 26.85
N LEU C 85 0.95 9.71 26.17
CA LEU C 85 0.42 11.06 26.19
C LEU C 85 0.22 11.49 27.64
N PHE C 86 -0.43 10.63 28.42
CA PHE C 86 -0.69 10.92 29.83
C PHE C 86 0.62 11.26 30.55
N SER C 87 1.59 10.36 30.46
CA SER C 87 2.93 10.61 31.01
C SER C 87 3.56 11.96 30.61
N SER C 88 3.51 12.32 29.32
CA SER C 88 4.14 13.56 28.87
C SER C 88 3.46 14.80 29.44
N LEU C 89 2.14 14.77 29.51
CA LEU C 89 1.38 15.87 30.12
C LEU C 89 1.72 16.04 31.60
N LYS C 90 1.89 14.94 32.32
CA LYS C 90 2.23 15.03 33.75
C LYS C 90 3.61 15.68 33.91
N HIS C 91 4.55 15.26 33.08
CA HIS C 91 5.89 15.84 33.07
C HIS C 91 5.86 17.34 32.81
N ILE C 92 5.13 17.74 31.77
CA ILE C 92 4.99 19.15 31.41
C ILE C 92 4.35 19.94 32.55
N GLN C 93 3.37 19.32 33.21
CA GLN C 93 2.71 19.94 34.38
C GLN C 93 3.70 20.20 35.52
N HIS C 94 4.76 19.39 35.57
CA HIS C 94 5.81 19.56 36.57
C HIS C 94 6.83 20.62 36.13
N THR C 95 6.70 21.11 34.91
CA THR C 95 7.76 21.92 34.30
C THR C 95 7.38 23.38 34.06
N LEU C 96 6.29 23.61 33.34
CA LEU C 96 5.83 24.98 33.08
C LEU C 96 5.09 25.52 34.31
N VAL C 97 5.47 26.72 34.73
CA VAL C 97 4.98 27.29 35.99
C VAL C 97 3.86 28.31 35.81
N ASP C 98 3.93 29.09 34.73
CA ASP C 98 2.97 30.17 34.52
C ASP C 98 1.52 29.67 34.56
N SER C 99 0.62 30.58 34.93
CA SER C 99 -0.78 30.22 35.13
C SER C 99 -1.50 29.86 33.84
N GLN C 100 -1.16 30.52 32.73
CA GLN C 100 -1.81 30.15 31.46
C GLN C 100 -1.49 28.69 31.12
N SER C 101 -0.19 28.34 31.17
CA SER C 101 0.27 26.96 30.90
C SER C 101 -0.38 25.94 31.84
N GLN C 102 -0.43 26.27 33.11
CA GLN C 102 -1.02 25.38 34.10
C GLN C 102 -2.48 25.06 33.77
N GLU C 103 -3.26 26.08 33.44
CA GLU C 103 -4.66 25.87 33.08
C GLU C 103 -4.77 25.01 31.81
N ASP C 104 -3.91 25.30 30.83
CA ASP C 104 -3.92 24.55 29.58
C ASP C 104 -3.63 23.07 29.77
N ILE C 105 -2.58 22.78 30.54
CA ILE C 105 -2.18 21.40 30.81
C ILE C 105 -3.27 20.66 31.58
N SER C 106 -3.88 21.32 32.56
CA SER C 106 -5.01 20.73 33.26
C SER C 106 -6.13 20.38 32.29
N LEU C 107 -6.40 21.29 31.36
CA LEU C 107 -7.46 21.08 30.38
C LEU C 107 -7.13 19.91 29.46
N LEU C 108 -5.85 19.78 29.10
CA LEU C 108 -5.40 18.67 28.25
C LEU C 108 -5.53 17.32 28.98
N LEU C 109 -5.14 17.29 30.24
CA LEU C 109 -5.28 16.09 31.06
C LEU C 109 -6.75 15.69 31.18
N GLN C 110 -7.62 16.68 31.36
CA GLN C 110 -9.05 16.41 31.38
C GLN C 110 -9.53 15.85 30.03
N LEU C 111 -9.01 16.41 28.94
CA LEU C 111 -9.32 15.88 27.63
C LEU C 111 -8.96 14.40 27.54
N VAL C 112 -7.75 14.05 27.96
CA VAL C 112 -7.26 12.68 27.82
C VAL C 112 -8.05 11.70 28.72
N GLN C 113 -8.62 12.22 29.79
CA GLN C 113 -9.37 11.41 30.73
C GLN C 113 -10.77 11.07 30.20
N ASN C 114 -11.26 11.92 29.29
CA ASN C 114 -12.58 11.75 28.71
C ASN C 114 -12.72 10.39 28.03
N LYS C 115 -13.80 9.66 28.36
CA LYS C 115 -14.00 8.29 27.85
C LYS C 115 -14.21 8.22 26.36
N ASP C 116 -14.95 9.17 25.81
CA ASP C 116 -15.15 9.25 24.36
C ASP C 116 -13.83 9.48 23.64
N PHE C 117 -13.06 10.44 24.13
CA PHE C 117 -11.77 10.73 23.52
C PHE C 117 -10.89 9.47 23.54
N GLN C 118 -10.91 8.78 24.67
CA GLN C 118 -10.09 7.59 24.81
C GLN C 118 -10.47 6.51 23.82
N ASN C 119 -11.78 6.35 23.58
CA ASN C 119 -12.22 5.35 22.62
C ASN C 119 -11.84 5.71 21.19
N ALA C 120 -12.02 6.98 20.84
CA ALA C 120 -11.68 7.47 19.50
C ALA C 120 -10.19 7.27 19.23
N PHE C 121 -9.39 7.55 20.26
CA PHE C 121 -7.94 7.36 20.19
C PHE C 121 -7.59 5.90 19.93
N LYS C 122 -8.23 4.99 20.68
CA LYS C 122 -7.99 3.56 20.50
C LYS C 122 -8.39 3.08 19.11
N ILE C 123 -9.54 3.55 18.64
CA ILE C 123 -10.03 3.16 17.34
C ILE C 123 -9.04 3.65 16.32
N HIS C 124 -8.63 4.90 16.48
CA HIS C 124 -7.75 5.54 15.52
C HIS C 124 -6.44 4.76 15.41
N ASN C 125 -5.87 4.43 16.56
CA ASN C 125 -4.61 3.69 16.60
C ASN C 125 -4.71 2.27 16.05
N ALA C 126 -5.83 1.61 16.35
CA ALA C 126 -6.09 0.27 15.84
C ALA C 126 -6.19 0.24 14.31
N ILE C 127 -6.61 1.34 13.70
CA ILE C 127 -6.68 1.39 12.25
C ILE C 127 -5.31 1.74 11.68
N THR C 128 -4.66 2.73 12.28
CA THR C 128 -3.47 3.30 11.68
C THR C 128 -2.27 2.34 11.75
N VAL C 129 -2.26 1.43 12.73
CA VAL C 129 -1.20 0.43 12.86
C VAL C 129 -1.06 -0.44 11.60
N HIS C 130 -2.16 -0.61 10.88
CA HIS C 130 -2.16 -1.33 9.60
C HIS C 130 -1.80 -0.48 8.39
N MET C 131 -1.92 0.85 8.52
CA MET C 131 -1.81 1.75 7.36
C MET C 131 -0.50 2.53 7.31
N ASN C 132 0.29 2.44 8.38
CA ASN C 132 1.50 3.26 8.48
C ASN C 132 2.79 2.50 8.23
N LYS C 133 2.68 1.34 7.60
CA LYS C 133 3.85 0.47 7.33
C LYS C 133 4.46 0.68 5.95
N ALA C 134 5.78 0.60 5.89
CA ALA C 134 6.50 0.56 4.64
C ALA C 134 6.39 -0.86 4.08
N SER C 135 7.39 -1.28 3.31
CA SER C 135 7.31 -2.56 2.60
C SER C 135 7.57 -3.73 3.54
N PRO C 136 6.77 -4.82 3.41
CA PRO C 136 6.95 -5.98 4.29
C PRO C 136 8.37 -6.48 4.08
N PRO C 137 9.08 -6.80 5.17
CA PRO C 137 10.48 -7.22 5.07
C PRO C 137 10.60 -8.64 4.53
N PHE C 138 11.76 -8.96 3.99
CA PHE C 138 12.02 -10.32 3.56
C PHE C 138 13.22 -10.84 4.36
N PRO C 139 13.25 -12.15 4.61
CA PRO C 139 14.38 -12.70 5.37
C PRO C 139 15.71 -12.57 4.63
N LEU C 140 16.75 -12.16 5.34
CA LEU C 140 18.06 -11.97 4.73
C LEU C 140 18.70 -13.33 4.45
N ILE C 141 18.25 -14.34 5.17
CA ILE C 141 18.80 -15.67 5.05
C ILE C 141 17.70 -16.65 5.43
N SER C 142 17.79 -17.88 4.97
CA SER C 142 16.74 -18.86 5.25
C SER C 142 17.12 -19.85 6.37
N ASN C 143 18.33 -19.71 6.90
CA ASN C 143 18.88 -20.69 7.85
C ASN C 143 19.61 -20.04 9.02
N ALA C 144 18.89 -19.27 9.82
CA ALA C 144 19.54 -18.51 10.87
C ALA C 144 20.02 -19.43 11.98
N GLN C 145 19.30 -20.53 12.19
CA GLN C 145 19.69 -21.50 13.22
C GLN C 145 21.06 -22.10 12.89
N ASP C 146 21.29 -22.44 11.63
CA ASP C 146 22.57 -22.99 11.22
C ASP C 146 23.64 -21.91 11.34
N LEU C 147 23.34 -20.72 10.86
CA LEU C 147 24.31 -19.62 10.95
C LEU C 147 24.81 -19.50 12.39
N ALA C 148 23.89 -19.46 13.35
CA ALA C 148 24.25 -19.29 14.76
C ALA C 148 25.11 -20.45 15.27
N GLN C 149 24.76 -21.66 14.85
CA GLN C 149 25.53 -22.84 15.23
C GLN C 149 26.94 -22.76 14.60
N GLU C 150 27.03 -22.30 13.36
CA GLU C 150 28.32 -22.03 12.73
C GLU C 150 29.12 -20.99 13.51
N VAL C 151 28.44 -19.99 14.06
CA VAL C 151 29.11 -18.95 14.83
C VAL C 151 29.73 -19.53 16.11
N GLN C 152 28.96 -20.34 16.83
CA GLN C 152 29.44 -20.96 18.06
C GLN C 152 30.70 -21.79 17.83
N THR C 153 30.81 -22.44 16.67
CA THR C 153 31.99 -23.23 16.37
C THR C 153 33.19 -22.32 16.08
N VAL C 154 32.95 -21.22 15.39
CA VAL C 154 34.03 -20.28 15.08
C VAL C 154 34.61 -19.66 16.36
N LEU C 155 33.80 -19.57 17.40
CA LEU C 155 34.25 -19.05 18.69
C LEU C 155 34.98 -20.12 19.51
N LYS C 156 34.72 -21.39 19.19
CA LYS C 156 35.24 -22.52 19.97
C LYS C 156 36.73 -22.45 20.29
N PRO C 157 37.58 -22.48 19.24
CA PRO C 157 39.02 -22.70 19.43
C PRO C 157 39.61 -21.80 20.49
N VAL C 158 39.87 -20.55 20.12
CA VAL C 158 40.51 -19.59 21.02
C VAL C 158 39.48 -18.94 21.95
N HIS C 159 39.87 -18.75 23.21
CA HIS C 159 39.00 -18.10 24.17
C HIS C 159 38.99 -16.59 23.95
N HIS C 160 37.80 -16.02 23.92
CA HIS C 160 37.66 -14.57 23.83
C HIS C 160 36.82 -14.07 25.01
N LYS C 161 37.13 -12.87 25.49
CA LYS C 161 36.41 -12.28 26.60
C LYS C 161 34.90 -12.34 26.34
N GLU C 162 34.51 -12.15 25.07
CA GLU C 162 33.12 -12.18 24.66
C GLU C 162 32.66 -13.57 24.24
N GLY C 163 33.62 -14.41 23.88
CA GLY C 163 33.34 -15.74 23.37
C GLY C 163 32.31 -16.52 24.19
N GLN C 164 32.59 -16.68 25.47
CA GLN C 164 31.76 -17.51 26.33
C GLN C 164 30.33 -16.96 26.52
N GLU C 165 30.23 -15.66 26.77
CA GLU C 165 28.93 -15.07 27.04
C GLU C 165 28.07 -15.11 25.78
N LEU C 166 28.68 -14.83 24.63
CA LEU C 166 27.97 -14.90 23.34
C LEU C 166 27.50 -16.32 23.01
N THR C 167 28.39 -17.29 23.17
CA THR C 167 28.00 -18.69 22.98
C THR C 167 26.81 -19.03 23.88
N ALA C 168 26.83 -18.51 25.11
CA ALA C 168 25.75 -18.75 26.07
C ALA C 168 24.42 -18.15 25.57
N LEU C 169 24.44 -16.85 25.27
CA LEU C 169 23.26 -16.19 24.71
C LEU C 169 22.63 -17.01 23.61
N LEU C 170 23.46 -17.56 22.73
CA LEU C 170 22.98 -18.28 21.55
C LEU C 170 22.44 -19.65 21.91
N ASN C 171 22.69 -20.10 23.13
CA ASN C 171 22.23 -21.41 23.59
C ASN C 171 20.97 -21.36 24.43
N THR C 172 20.50 -20.16 24.74
CA THR C 172 19.30 -20.01 25.56
C THR C 172 18.06 -20.49 24.82
N PRO C 173 17.00 -20.86 25.56
CA PRO C 173 15.73 -21.29 24.96
C PRO C 173 15.08 -20.20 24.08
N HIS C 174 15.08 -18.96 24.54
CA HIS C 174 14.42 -17.88 23.82
C HIS C 174 15.20 -17.45 22.57
N ILE C 175 16.51 -17.33 22.66
CA ILE C 175 17.28 -16.98 21.47
C ILE C 175 17.12 -18.09 20.44
N GLN C 176 17.27 -19.33 20.89
CA GLN C 176 17.03 -20.46 19.98
C GLN C 176 15.63 -20.43 19.39
N ALA C 177 14.64 -20.07 20.21
CA ALA C 177 13.27 -19.95 19.73
C ALA C 177 13.11 -18.84 18.69
N LEU C 178 13.82 -17.73 18.90
CA LEU C 178 13.80 -16.61 17.95
C LEU C 178 14.31 -17.07 16.60
N LEU C 179 15.44 -17.78 16.61
CA LEU C 179 16.05 -18.27 15.37
C LEU C 179 15.17 -19.27 14.63
N LEU C 180 14.48 -20.10 15.40
CA LEU C 180 13.52 -21.06 14.85
C LEU C 180 12.34 -20.34 14.22
N ALA C 181 11.74 -19.43 14.99
CA ALA C 181 10.65 -18.61 14.47
C ALA C 181 11.08 -17.95 13.16
N HIS C 182 12.27 -17.37 13.17
CA HIS C 182 12.80 -16.70 11.98
C HIS C 182 12.78 -17.62 10.76
N ASP C 183 13.37 -18.79 10.92
CA ASP C 183 13.43 -19.77 9.84
C ASP C 183 12.06 -20.30 9.42
N LYS C 184 11.13 -20.49 10.35
CA LYS C 184 9.77 -20.97 10.00
C LYS C 184 8.96 -19.93 9.24
N VAL C 185 8.93 -18.72 9.77
CA VAL C 185 8.20 -17.63 9.12
C VAL C 185 8.79 -17.41 7.72
N ALA C 186 10.10 -17.55 7.60
CA ALA C 186 10.77 -17.31 6.32
C ALA C 186 10.25 -18.26 5.23
N GLU C 187 9.68 -19.39 5.64
CA GLU C 187 9.16 -20.35 4.67
C GLU C 187 7.93 -19.83 3.91
N GLN C 188 7.19 -18.93 4.53
CA GLN C 188 6.16 -18.16 3.83
C GLN C 188 4.92 -18.94 3.38
N GLU C 189 4.92 -20.25 3.58
CA GLU C 189 3.73 -21.05 3.32
C GLU C 189 3.52 -22.03 4.47
N MET C 190 4.57 -22.20 5.28
CA MET C 190 4.59 -23.17 6.37
C MET C 190 3.52 -22.93 7.43
N GLY C 191 2.52 -22.12 7.10
CA GLY C 191 1.52 -21.76 8.07
C GLY C 191 1.99 -20.55 8.88
N GLY C 192 2.82 -20.81 9.88
CA GLY C 192 3.20 -19.81 10.88
C GLY C 192 4.63 -19.83 11.36
N GLY C 193 4.82 -20.03 12.66
CA GLY C 193 6.15 -19.90 13.23
C GLY C 193 6.23 -19.06 14.50
N LEU C 194 5.40 -18.03 14.62
CA LEU C 194 5.47 -17.16 15.80
C LEU C 194 5.18 -17.90 17.11
N GLU C 195 4.36 -18.95 17.04
CA GLU C 195 3.95 -19.71 18.23
C GLU C 195 5.08 -20.39 18.99
N VAL C 196 6.22 -20.63 18.34
CA VAL C 196 7.33 -21.30 19.02
C VAL C 196 7.98 -20.41 20.09
N LEU C 197 7.77 -19.11 19.99
CA LEU C 197 8.28 -18.17 21.00
C LEU C 197 7.49 -18.22 22.31
N PHE C 198 6.33 -18.89 22.30
CA PHE C 198 5.49 -18.97 23.48
C PHE C 198 5.52 -20.34 24.15
N GLN C 199 6.31 -21.25 23.60
CA GLN C 199 6.29 -22.64 24.04
C GLN C 199 7.27 -22.96 25.17
N GLY C 200 6.74 -23.42 26.31
CA GLY C 200 7.55 -23.86 27.42
C GLY C 200 8.60 -22.86 27.87
N PRO C 201 9.85 -23.32 28.01
CA PRO C 201 10.98 -22.51 28.48
C PRO C 201 11.39 -21.40 27.49
N ALA C 202 10.79 -21.39 26.31
CA ALA C 202 11.15 -20.40 25.29
C ALA C 202 10.57 -19.03 25.64
N LEU C 203 9.40 -19.05 26.27
CA LEU C 203 8.66 -17.82 26.61
C LEU C 203 9.45 -16.95 27.57
N VAL C 204 9.69 -15.71 27.18
CA VAL C 204 10.40 -14.78 28.05
C VAL C 204 9.80 -13.39 27.85
N GLU C 205 10.01 -12.48 28.79
CA GLU C 205 9.54 -11.11 28.58
C GLU C 205 10.19 -10.53 27.31
N PRO C 206 9.41 -9.81 26.50
CA PRO C 206 9.94 -9.14 25.32
C PRO C 206 11.21 -8.32 25.61
N LEU C 207 11.23 -7.56 26.71
CA LEU C 207 12.43 -6.79 27.05
C LEU C 207 13.63 -7.69 27.34
N GLY C 208 13.38 -8.86 27.93
CA GLY C 208 14.42 -9.83 28.13
C GLY C 208 14.98 -10.31 26.80
N LEU C 209 14.08 -10.65 25.88
CA LEU C 209 14.46 -11.07 24.53
C LEU C 209 15.30 -9.97 23.88
N GLU C 210 14.83 -8.73 23.99
CA GLU C 210 15.45 -7.59 23.32
C GLU C 210 16.82 -7.23 23.90
N ARG C 211 17.00 -7.45 25.20
CA ARG C 211 18.29 -7.21 25.84
C ARG C 211 19.28 -8.26 25.38
N ASP C 212 18.86 -9.53 25.33
CA ASP C 212 19.77 -10.60 24.93
C ASP C 212 20.19 -10.50 23.47
N VAL C 213 19.29 -10.05 22.60
CA VAL C 213 19.63 -9.89 21.20
C VAL C 213 20.57 -8.69 21.00
N SER C 214 20.26 -7.57 21.64
CA SER C 214 21.13 -6.40 21.60
C SER C 214 22.51 -6.76 22.15
N ARG C 215 22.52 -7.50 23.26
CA ARG C 215 23.80 -7.91 23.84
C ARG C 215 24.59 -8.77 22.85
N ALA C 216 23.92 -9.71 22.19
CA ALA C 216 24.63 -10.57 21.22
C ALA C 216 25.24 -9.75 20.08
N VAL C 217 24.48 -8.77 19.58
CA VAL C 217 24.98 -7.88 18.53
C VAL C 217 26.22 -7.09 18.97
N GLU C 218 26.11 -6.42 20.12
CA GLU C 218 27.24 -5.75 20.75
C GLU C 218 28.45 -6.70 20.86
N LEU C 219 28.21 -7.91 21.35
CA LEU C 219 29.30 -8.89 21.49
C LEU C 219 29.90 -9.24 20.13
N LEU C 220 29.04 -9.39 19.13
CA LEU C 220 29.50 -9.70 17.78
C LEU C 220 30.38 -8.56 17.23
N GLU C 221 30.02 -7.33 17.57
CA GLU C 221 30.75 -6.16 17.12
C GLU C 221 32.14 -6.11 17.77
N ARG C 222 32.18 -6.37 19.07
CA ARG C 222 33.42 -6.36 19.82
C ARG C 222 34.39 -7.37 19.24
N LEU C 223 33.90 -8.57 18.95
CA LEU C 223 34.73 -9.65 18.41
C LEU C 223 35.28 -9.32 17.01
N GLN C 224 34.51 -8.57 16.24
CA GLN C 224 34.96 -8.19 14.89
C GLN C 224 36.07 -7.14 14.93
N ARG C 225 35.91 -6.11 15.76
CA ARG C 225 36.94 -5.08 15.83
C ARG C 225 38.17 -5.59 16.57
N SER C 226 38.02 -6.73 17.24
CA SER C 226 39.13 -7.42 17.86
C SER C 226 40.07 -7.98 16.79
N GLY C 227 39.48 -8.46 15.71
CA GLY C 227 40.24 -8.92 14.55
C GLY C 227 40.90 -10.28 14.72
N GLU C 228 40.56 -10.97 15.81
CA GLU C 228 41.24 -12.22 16.14
C GLU C 228 40.71 -13.43 15.38
N LEU C 229 39.48 -13.34 14.89
CA LEU C 229 38.90 -14.43 14.11
C LEU C 229 38.25 -13.91 12.83
N PRO C 230 37.99 -14.82 11.86
CA PRO C 230 37.40 -14.36 10.59
C PRO C 230 36.02 -13.76 10.85
N PRO C 231 35.85 -12.47 10.51
CA PRO C 231 34.65 -11.71 10.90
C PRO C 231 33.41 -12.04 10.06
N GLN C 232 33.57 -12.80 8.99
CA GLN C 232 32.47 -13.01 8.05
C GLN C 232 31.17 -13.50 8.70
N LYS C 233 31.22 -14.65 9.38
CA LYS C 233 30.02 -15.19 10.01
C LYS C 233 29.54 -14.33 11.18
N LEU C 234 30.47 -13.61 11.80
CA LEU C 234 30.13 -12.74 12.91
C LEU C 234 29.23 -11.62 12.39
N GLN C 235 29.65 -11.00 11.29
CA GLN C 235 28.89 -9.97 10.63
C GLN C 235 27.54 -10.51 10.15
N ALA C 236 27.56 -11.68 9.53
CA ALA C 236 26.35 -12.32 9.03
C ALA C 236 25.27 -12.39 10.12
N LEU C 237 25.58 -13.11 11.19
CA LEU C 237 24.66 -13.24 12.33
C LEU C 237 24.24 -11.88 12.88
N GLN C 238 25.20 -10.97 12.99
CA GLN C 238 24.91 -9.63 13.49
C GLN C 238 23.79 -9.00 12.65
N ARG C 239 23.93 -9.11 11.33
CA ARG C 239 22.98 -8.52 10.39
C ARG C 239 21.61 -9.22 10.41
N VAL C 240 21.60 -10.53 10.51
CA VAL C 240 20.35 -11.25 10.67
C VAL C 240 19.57 -10.78 11.91
N LEU C 241 20.25 -10.69 13.04
CA LEU C 241 19.63 -10.22 14.27
C LEU C 241 19.15 -8.79 14.15
N GLN C 242 19.89 -7.99 13.40
CA GLN C 242 19.55 -6.59 13.22
C GLN C 242 18.58 -6.38 12.06
N SER C 243 18.34 -7.42 11.27
CA SER C 243 17.52 -7.27 10.06
C SER C 243 16.08 -6.81 10.32
N ARG C 244 15.46 -6.18 9.32
CA ARG C 244 14.06 -5.77 9.44
C ARG C 244 13.13 -6.95 9.67
N PHE C 245 13.49 -8.09 9.07
CA PHE C 245 12.65 -9.29 9.18
C PHE C 245 12.68 -9.81 10.61
N CYS C 246 13.89 -9.98 11.15
CA CYS C 246 14.00 -10.44 12.52
C CYS C 246 13.40 -9.45 13.50
N SER C 247 13.64 -8.15 13.24
CA SER C 247 13.08 -7.09 14.08
C SER C 247 11.54 -7.11 14.11
N ALA C 248 10.93 -7.37 12.95
CA ALA C 248 9.48 -7.44 12.86
C ALA C 248 8.93 -8.63 13.63
N ILE C 249 9.65 -9.75 13.58
CA ILE C 249 9.30 -10.90 14.42
C ILE C 249 9.31 -10.50 15.91
N ARG C 250 10.35 -9.79 16.35
CA ARG C 250 10.42 -9.42 17.75
C ARG C 250 9.33 -8.41 18.12
N GLU C 251 9.02 -7.52 17.20
CA GLU C 251 8.02 -6.50 17.48
C GLU C 251 6.65 -7.15 17.63
N VAL C 252 6.32 -8.05 16.71
CA VAL C 252 5.06 -8.76 16.79
C VAL C 252 5.00 -9.63 18.04
N TYR C 253 6.11 -10.29 18.36
CA TYR C 253 6.17 -11.02 19.61
C TYR C 253 5.79 -10.17 20.80
N GLU C 254 6.32 -8.95 20.88
CA GLU C 254 6.06 -8.11 22.05
C GLU C 254 4.58 -7.72 22.13
N GLN C 255 3.99 -7.44 20.98
CA GLN C 255 2.60 -7.05 20.94
C GLN C 255 1.71 -8.23 21.30
N LEU C 256 2.08 -9.42 20.85
CA LEU C 256 1.33 -10.62 21.23
C LEU C 256 1.47 -10.88 22.73
N TYR C 257 2.69 -10.82 23.24
CA TYR C 257 2.94 -11.06 24.65
C TYR C 257 2.12 -10.10 25.53
N ASP C 258 2.04 -8.85 25.09
CA ASP C 258 1.40 -7.81 25.88
C ASP C 258 -0.12 -8.01 25.91
N THR C 259 -0.65 -8.79 24.98
CA THR C 259 -2.08 -9.00 24.91
C THR C 259 -2.48 -10.38 25.40
N LEU C 260 -1.54 -11.06 26.05
CA LEU C 260 -1.86 -12.34 26.67
C LEU C 260 -2.95 -12.10 27.71
N ASP C 261 -3.82 -13.08 27.88
CA ASP C 261 -4.82 -13.01 28.93
C ASP C 261 -4.60 -14.20 29.86
N ILE C 262 -3.80 -13.96 30.90
CA ILE C 262 -3.49 -14.98 31.89
C ILE C 262 -4.75 -15.29 32.68
N THR C 263 -5.74 -14.42 32.53
CA THR C 263 -7.02 -14.44 33.27
C THR C 263 -6.93 -13.60 34.54
N GLU D 8 -18.49 17.95 -15.32
CA GLU D 8 -17.61 18.83 -14.53
C GLU D 8 -17.60 20.30 -14.98
N LYS D 9 -16.45 20.95 -14.82
CA LYS D 9 -16.29 22.36 -15.20
C LYS D 9 -15.31 22.55 -16.38
N MET D 10 -14.15 21.95 -16.29
CA MET D 10 -13.24 21.91 -17.42
C MET D 10 -14.02 21.45 -18.64
N GLN D 11 -13.81 22.10 -19.79
CA GLN D 11 -14.61 21.84 -20.98
C GLN D 11 -14.56 20.40 -21.45
N VAL D 12 -13.39 19.79 -21.39
CA VAL D 12 -13.23 18.42 -21.86
C VAL D 12 -14.05 17.44 -20.99
N LEU D 13 -14.14 17.71 -19.69
CA LEU D 13 -14.97 16.91 -18.80
C LEU D 13 -16.45 17.06 -19.16
N GLN D 14 -16.90 18.29 -19.43
CA GLN D 14 -18.29 18.48 -19.83
C GLN D 14 -18.59 17.79 -21.15
N VAL D 15 -17.62 17.82 -22.07
CA VAL D 15 -17.74 17.17 -23.36
C VAL D 15 -17.92 15.66 -23.17
N LEU D 16 -17.13 15.07 -22.29
CA LEU D 16 -17.24 13.64 -21.98
C LEU D 16 -18.59 13.29 -21.37
N ASP D 17 -19.13 14.15 -20.51
CA ASP D 17 -20.49 13.93 -19.97
C ASP D 17 -21.49 13.85 -21.10
N ARG D 18 -21.43 14.84 -21.97
CA ARG D 18 -22.42 14.99 -23.04
C ARG D 18 -22.32 13.81 -24.00
N LEU D 19 -21.11 13.45 -24.40
CA LEU D 19 -20.93 12.34 -25.34
C LEU D 19 -21.51 11.03 -24.81
N ARG D 20 -21.19 10.68 -23.57
CA ARG D 20 -21.76 9.47 -22.99
C ARG D 20 -23.27 9.56 -22.90
N GLY D 21 -23.79 10.74 -22.57
CA GLY D 21 -25.21 10.98 -22.61
C GLY D 21 -25.81 10.74 -23.98
N LYS D 22 -25.17 11.28 -25.02
CA LYS D 22 -25.63 11.13 -26.40
C LYS D 22 -25.51 9.68 -26.87
N LEU D 23 -24.48 8.98 -26.38
CA LEU D 23 -24.33 7.57 -26.71
C LEU D 23 -25.47 6.72 -26.11
N GLN D 24 -25.81 7.00 -24.84
CA GLN D 24 -26.93 6.35 -24.19
C GLN D 24 -28.21 6.53 -25.03
N GLU D 25 -28.42 7.77 -25.49
CA GLU D 25 -29.56 8.13 -26.33
C GLU D 25 -29.58 7.32 -27.61
N LYS D 26 -28.41 7.11 -28.22
CA LYS D 26 -28.31 6.38 -29.48
C LYS D 26 -28.32 4.86 -29.29
N GLY D 27 -28.44 4.41 -28.05
CA GLY D 27 -28.44 2.99 -27.76
C GLY D 27 -27.12 2.29 -28.04
N ASP D 28 -26.01 3.01 -27.86
CA ASP D 28 -24.69 2.42 -28.02
C ASP D 28 -23.77 2.86 -26.89
N THR D 29 -23.72 2.06 -25.83
CA THR D 29 -22.95 2.42 -24.65
C THR D 29 -21.67 1.59 -24.55
N THR D 30 -21.29 0.93 -25.64
CA THR D 30 -20.14 0.01 -25.61
C THR D 30 -18.82 0.71 -25.27
N GLN D 31 -18.75 2.01 -25.49
CA GLN D 31 -17.52 2.75 -25.20
C GLN D 31 -17.61 3.54 -23.89
N ASN D 32 -18.76 3.50 -23.22
CA ASN D 32 -18.96 4.42 -22.09
C ASN D 32 -18.04 4.17 -20.91
N GLU D 33 -17.67 2.93 -20.69
CA GLU D 33 -16.82 2.63 -19.55
C GLU D 33 -15.39 3.12 -19.83
N LYS D 34 -14.93 2.96 -21.06
CA LYS D 34 -13.66 3.55 -21.47
C LYS D 34 -13.68 5.08 -21.41
N LEU D 35 -14.77 5.69 -21.87
CA LEU D 35 -14.88 7.15 -21.77
C LEU D 35 -14.90 7.60 -20.31
N SER D 36 -15.43 6.76 -19.43
CA SER D 36 -15.48 7.07 -18.01
C SER D 36 -14.11 6.97 -17.37
N ALA D 37 -13.35 5.95 -17.75
CA ALA D 37 -11.97 5.80 -17.29
C ALA D 37 -11.13 7.01 -17.75
N PHE D 38 -11.40 7.48 -18.96
CA PHE D 38 -10.73 8.67 -19.49
C PHE D 38 -11.06 9.89 -18.63
N TYR D 39 -12.33 10.04 -18.29
CA TYR D 39 -12.77 11.14 -17.46
C TYR D 39 -11.99 11.16 -16.14
N GLU D 40 -11.85 9.98 -15.54
CA GLU D 40 -11.20 9.84 -14.25
C GLU D 40 -9.71 10.17 -14.30
N THR D 41 -9.05 9.78 -15.38
CA THR D 41 -7.65 10.16 -15.58
C THR D 41 -7.52 11.68 -15.72
N LEU D 42 -8.41 12.27 -16.53
CA LEU D 42 -8.40 13.71 -16.75
C LEU D 42 -8.62 14.48 -15.46
N LYS D 43 -9.44 13.90 -14.57
CA LYS D 43 -9.78 14.53 -13.30
C LYS D 43 -8.71 14.27 -12.23
N SER D 44 -7.98 13.17 -12.38
CA SER D 44 -6.97 12.72 -11.43
C SER D 44 -6.04 13.88 -11.00
N PRO D 45 -5.91 14.13 -9.68
CA PRO D 45 -4.95 15.15 -9.23
C PRO D 45 -3.55 14.83 -9.73
N LEU D 46 -3.18 13.55 -9.71
CA LEU D 46 -1.87 13.13 -10.20
C LEU D 46 -1.69 13.51 -11.67
N PHE D 47 -2.67 13.17 -12.51
CA PHE D 47 -2.53 13.48 -13.93
C PHE D 47 -2.38 15.00 -14.13
N ASN D 48 -3.19 15.76 -13.41
CA ASN D 48 -3.13 17.21 -13.57
C ASN D 48 -1.80 17.81 -13.16
N GLN D 49 -1.21 17.33 -12.06
CA GLN D 49 0.13 17.79 -11.73
C GLN D 49 1.16 17.45 -12.81
N ILE D 50 1.11 16.22 -13.31
CA ILE D 50 2.07 15.81 -14.33
C ILE D 50 1.98 16.66 -15.60
N LEU D 51 0.75 16.90 -16.03
CA LEU D 51 0.52 17.62 -17.26
C LEU D 51 1.05 19.04 -17.10
N THR D 52 0.76 19.64 -15.95
CA THR D 52 1.20 20.99 -15.66
C THR D 52 2.73 21.10 -15.62
N LEU D 53 3.39 20.07 -15.06
CA LEU D 53 4.83 20.00 -15.09
C LEU D 53 5.33 19.89 -16.55
N GLN D 54 4.81 18.93 -17.29
CA GLN D 54 5.15 18.80 -18.72
C GLN D 54 4.99 20.10 -19.51
N GLN D 55 3.96 20.88 -19.17
CA GLN D 55 3.62 22.09 -19.91
C GLN D 55 4.40 23.32 -19.44
N SER D 56 4.65 23.40 -18.13
CA SER D 56 5.22 24.60 -17.54
C SER D 56 6.74 24.58 -17.51
N ILE D 57 7.32 23.37 -17.59
CA ILE D 57 8.75 23.22 -17.40
C ILE D 57 9.32 22.38 -18.52
N LYS D 58 9.60 23.03 -19.65
CA LYS D 58 10.07 22.31 -20.82
C LYS D 58 11.39 21.60 -20.54
N GLN D 59 12.11 22.11 -19.54
CA GLN D 59 13.38 21.52 -19.11
C GLN D 59 13.17 20.13 -18.53
N LEU D 60 11.98 19.85 -18.01
CA LEU D 60 11.71 18.52 -17.45
C LEU D 60 11.78 17.49 -18.55
N LYS D 61 12.77 16.60 -18.45
CA LYS D 61 12.97 15.61 -19.50
C LYS D 61 13.55 14.30 -18.97
N GLY D 62 13.13 13.21 -19.60
CA GLY D 62 13.45 11.88 -19.15
C GLY D 62 12.21 11.26 -18.53
N GLN D 63 12.41 10.19 -17.76
CA GLN D 63 11.30 9.55 -17.12
C GLN D 63 10.95 10.22 -15.80
N LEU D 64 9.79 10.87 -15.75
CA LEU D 64 9.30 11.46 -14.51
C LEU D 64 8.68 10.39 -13.63
N SER D 65 8.43 9.20 -14.20
CA SER D 65 7.67 8.17 -13.48
C SER D 65 8.46 7.56 -12.33
N HIS D 66 9.76 7.82 -12.29
CA HIS D 66 10.59 7.35 -11.19
C HIS D 66 10.46 8.28 -9.98
N ILE D 67 9.72 9.36 -10.13
CA ILE D 67 9.47 10.26 -9.00
C ILE D 67 8.15 9.91 -8.30
N PRO D 68 8.18 9.77 -6.97
CA PRO D 68 6.97 9.33 -6.26
C PRO D 68 5.95 10.46 -6.06
N LEU D 69 5.46 11.03 -7.17
CA LEU D 69 4.43 12.07 -7.10
C LEU D 69 3.19 11.60 -6.38
N GLU D 70 2.99 10.28 -6.33
CA GLU D 70 1.78 9.71 -5.72
C GLU D 70 1.74 9.95 -4.22
N VAL D 71 2.88 10.31 -3.63
CA VAL D 71 2.90 10.61 -2.21
C VAL D 71 2.08 11.89 -1.93
N LEU D 72 1.97 12.75 -2.92
CA LEU D 72 1.28 14.05 -2.78
C LEU D 72 -0.02 14.13 -3.58
N PHE D 73 -0.17 13.25 -4.58
CA PHE D 73 -1.32 13.36 -5.48
C PHE D 73 -2.01 12.01 -5.71
N GLN D 74 -3.32 11.98 -5.50
CA GLN D 74 -4.12 10.78 -5.72
C GLN D 74 -4.34 10.53 -7.20
N GLY D 75 -4.39 9.25 -7.59
CA GLY D 75 -4.71 8.85 -8.95
C GLY D 75 -5.86 7.85 -8.98
N PRO D 76 -6.32 7.48 -10.18
CA PRO D 76 -7.47 6.56 -10.30
C PRO D 76 -7.02 5.11 -10.09
N VAL D 77 -7.98 4.20 -9.92
CA VAL D 77 -7.64 2.78 -9.83
C VAL D 77 -7.56 2.17 -11.23
N LYS D 78 -8.39 2.64 -12.14
CA LYS D 78 -8.45 2.08 -13.49
C LYS D 78 -7.55 2.87 -14.43
N ILE D 79 -6.74 2.16 -15.19
CA ILE D 79 -5.82 2.72 -16.16
C ILE D 79 -6.33 2.46 -17.57
N LEU D 80 -6.17 3.42 -18.46
CA LEU D 80 -6.61 3.29 -19.83
C LEU D 80 -5.39 3.41 -20.74
N GLU D 81 -5.22 2.47 -21.66
CA GLU D 81 -4.16 2.53 -22.66
C GLU D 81 -4.51 3.56 -23.72
N ILE D 82 -3.49 4.20 -24.28
CA ILE D 82 -3.75 5.25 -25.24
C ILE D 82 -4.36 4.72 -26.56
N GLU D 83 -4.04 3.47 -26.91
CA GLU D 83 -4.68 2.85 -28.06
C GLU D 83 -6.17 2.59 -27.81
N ASP D 84 -6.52 2.25 -26.56
CA ASP D 84 -7.93 2.09 -26.20
C ASP D 84 -8.65 3.41 -26.44
N LEU D 85 -7.98 4.49 -26.07
CA LEU D 85 -8.56 5.81 -26.21
C LEU D 85 -8.86 6.11 -27.67
N PHE D 86 -7.89 5.89 -28.55
CA PHE D 86 -8.13 6.12 -29.98
C PHE D 86 -9.22 5.19 -30.51
N SER D 87 -9.23 3.95 -30.03
CA SER D 87 -10.24 3.00 -30.47
C SER D 87 -11.62 3.52 -30.12
N SER D 88 -11.77 4.06 -28.92
CA SER D 88 -13.06 4.61 -28.49
C SER D 88 -13.53 5.78 -29.32
N LEU D 89 -12.64 6.72 -29.59
CA LEU D 89 -13.01 7.91 -30.36
C LEU D 89 -13.42 7.51 -31.76
N LYS D 90 -12.67 6.57 -32.33
CA LYS D 90 -12.93 6.08 -33.67
C LYS D 90 -14.34 5.48 -33.72
N HIS D 91 -14.65 4.63 -32.75
CA HIS D 91 -15.98 4.03 -32.68
C HIS D 91 -17.09 5.09 -32.59
N ILE D 92 -16.98 6.01 -31.63
CA ILE D 92 -18.06 6.95 -31.39
C ILE D 92 -18.15 8.00 -32.48
N GLN D 93 -17.05 8.21 -33.19
CA GLN D 93 -17.11 9.14 -34.31
C GLN D 93 -18.00 8.55 -35.39
N HIS D 94 -18.04 7.22 -35.46
CA HIS D 94 -18.96 6.57 -36.39
C HIS D 94 -20.40 6.52 -35.86
N THR D 95 -20.55 6.25 -34.57
CA THR D 95 -21.88 6.10 -33.96
C THR D 95 -22.66 7.41 -33.89
N LEU D 96 -21.98 8.47 -33.47
CA LEU D 96 -22.64 9.77 -33.23
C LEU D 96 -22.47 10.76 -34.39
N VAL D 97 -23.55 11.01 -35.11
CA VAL D 97 -23.45 11.79 -36.35
C VAL D 97 -23.92 13.24 -36.23
N ASP D 98 -24.47 13.63 -35.08
CA ASP D 98 -24.93 15.01 -34.92
C ASP D 98 -23.77 16.01 -34.92
N SER D 99 -24.07 17.24 -35.33
CA SER D 99 -23.07 18.30 -35.46
C SER D 99 -22.26 18.55 -34.19
N GLN D 100 -22.95 18.66 -33.07
CA GLN D 100 -22.32 18.91 -31.77
C GLN D 100 -21.34 17.78 -31.41
N SER D 101 -21.79 16.54 -31.58
CA SER D 101 -20.96 15.40 -31.17
C SER D 101 -19.68 15.32 -32.01
N GLN D 102 -19.78 15.66 -33.29
CA GLN D 102 -18.63 15.61 -34.18
C GLN D 102 -17.60 16.66 -33.77
N GLU D 103 -18.09 17.86 -33.40
CA GLU D 103 -17.21 18.89 -32.85
C GLU D 103 -16.59 18.45 -31.53
N ASP D 104 -17.40 17.84 -30.67
CA ASP D 104 -16.92 17.37 -29.38
C ASP D 104 -15.84 16.32 -29.57
N ILE D 105 -16.04 15.44 -30.55
CA ILE D 105 -15.12 14.34 -30.74
C ILE D 105 -13.78 14.84 -31.30
N SER D 106 -13.81 15.88 -32.12
CA SER D 106 -12.57 16.44 -32.66
C SER D 106 -11.80 17.19 -31.57
N LEU D 107 -12.50 17.83 -30.64
CA LEU D 107 -11.84 18.42 -29.49
C LEU D 107 -11.04 17.36 -28.76
N LEU D 108 -11.70 16.27 -28.40
CA LEU D 108 -11.04 15.17 -27.70
C LEU D 108 -9.87 14.64 -28.50
N LEU D 109 -10.08 14.54 -29.80
CA LEU D 109 -9.08 13.99 -30.69
C LEU D 109 -7.82 14.86 -30.69
N GLN D 110 -8.01 16.16 -30.77
CA GLN D 110 -6.91 17.11 -30.71
C GLN D 110 -6.12 16.92 -29.41
N LEU D 111 -6.84 16.92 -28.29
CA LEU D 111 -6.20 16.68 -27.01
C LEU D 111 -5.37 15.39 -27.01
N VAL D 112 -5.98 14.29 -27.42
CA VAL D 112 -5.33 12.98 -27.40
C VAL D 112 -4.09 12.89 -28.33
N GLN D 113 -4.09 13.65 -29.42
CA GLN D 113 -2.91 13.67 -30.30
C GLN D 113 -1.82 14.65 -29.84
N ASN D 114 -2.14 15.49 -28.86
CA ASN D 114 -1.18 16.49 -28.36
C ASN D 114 0.03 15.82 -27.69
N LYS D 115 1.23 16.29 -28.00
CA LYS D 115 2.42 15.62 -27.52
C LYS D 115 2.63 15.75 -26.02
N ASP D 116 2.22 16.88 -25.44
CA ASP D 116 2.31 17.06 -24.00
C ASP D 116 1.32 16.12 -23.30
N PHE D 117 0.09 16.08 -23.79
CA PHE D 117 -0.90 15.15 -23.26
C PHE D 117 -0.39 13.72 -23.23
N GLN D 118 0.13 13.24 -24.37
CA GLN D 118 0.56 11.84 -24.48
C GLN D 118 1.72 11.53 -23.53
N ASN D 119 2.66 12.45 -23.40
CA ASN D 119 3.72 12.28 -22.42
C ASN D 119 3.21 12.18 -20.99
N ALA D 120 2.32 13.09 -20.63
CA ALA D 120 1.76 13.12 -19.28
C ALA D 120 0.98 11.84 -19.02
N PHE D 121 0.23 11.41 -20.02
CA PHE D 121 -0.60 10.22 -19.92
C PHE D 121 0.27 8.98 -19.66
N LYS D 122 1.37 8.85 -20.41
CA LYS D 122 2.26 7.70 -20.25
C LYS D 122 2.92 7.72 -18.85
N ILE D 123 3.30 8.91 -18.39
CA ILE D 123 3.92 9.03 -17.08
C ILE D 123 2.91 8.69 -15.99
N HIS D 124 1.68 9.14 -16.18
CA HIS D 124 0.63 8.92 -15.20
C HIS D 124 0.37 7.42 -15.05
N ASN D 125 0.21 6.75 -16.19
CA ASN D 125 0.01 5.31 -16.17
C ASN D 125 1.18 4.48 -15.60
N ALA D 126 2.39 4.93 -15.85
CA ALA D 126 3.58 4.25 -15.37
C ALA D 126 3.71 4.36 -13.85
N ILE D 127 3.22 5.47 -13.29
CA ILE D 127 3.17 5.58 -11.82
C ILE D 127 1.98 4.78 -11.29
N THR D 128 0.82 5.00 -11.88
CA THR D 128 -0.42 4.41 -11.37
C THR D 128 -0.45 2.87 -11.31
N VAL D 129 0.21 2.22 -12.27
CA VAL D 129 0.28 0.75 -12.29
C VAL D 129 0.89 0.15 -11.01
N HIS D 130 1.76 0.89 -10.34
CA HIS D 130 2.28 0.43 -9.05
C HIS D 130 1.39 0.80 -7.85
N MET D 131 0.47 1.75 -8.01
CA MET D 131 -0.32 2.27 -6.88
C MET D 131 -1.76 1.77 -6.83
N ASN D 132 -2.17 1.10 -7.90
CA ASN D 132 -3.57 0.71 -8.03
C ASN D 132 -3.80 -0.77 -7.74
N LYS D 133 -2.86 -1.42 -7.05
CA LYS D 133 -2.93 -2.86 -6.81
C LYS D 133 -3.47 -3.15 -5.42
N ALA D 134 -4.24 -4.23 -5.32
CA ALA D 134 -4.67 -4.71 -4.02
C ALA D 134 -3.54 -5.53 -3.39
N SER D 135 -3.89 -6.51 -2.57
CA SER D 135 -2.87 -7.31 -1.88
C SER D 135 -2.15 -8.24 -2.87
N PRO D 136 -0.81 -8.36 -2.75
CA PRO D 136 -0.01 -9.21 -3.63
C PRO D 136 -0.47 -10.65 -3.49
N PRO D 137 -0.63 -11.36 -4.61
CA PRO D 137 -1.17 -12.73 -4.54
C PRO D 137 -0.17 -13.72 -3.96
N PHE D 138 -0.67 -14.84 -3.45
CA PHE D 138 0.18 -15.92 -3.00
C PHE D 138 -0.15 -17.18 -3.79
N PRO D 139 0.83 -18.06 -3.99
CA PRO D 139 0.53 -19.26 -4.77
C PRO D 139 -0.47 -20.16 -4.06
N LEU D 140 -1.43 -20.71 -4.79
CA LEU D 140 -2.41 -21.60 -4.18
C LEU D 140 -1.82 -22.99 -3.87
N ILE D 141 -0.78 -23.37 -4.62
CA ILE D 141 -0.04 -24.60 -4.35
C ILE D 141 1.39 -24.35 -4.75
N SER D 142 2.33 -25.19 -4.32
CA SER D 142 3.73 -24.96 -4.63
C SER D 142 4.23 -25.88 -5.74
N ASN D 143 3.37 -26.80 -6.16
CA ASN D 143 3.78 -27.84 -7.09
C ASN D 143 2.80 -27.99 -8.25
N ALA D 144 2.68 -26.93 -9.05
CA ALA D 144 1.80 -26.95 -10.22
C ALA D 144 2.29 -27.93 -11.29
N GLN D 145 3.61 -28.05 -11.46
CA GLN D 145 4.09 -29.02 -12.44
C GLN D 145 3.68 -30.44 -12.06
N ASP D 146 3.83 -30.80 -10.78
CA ASP D 146 3.42 -32.14 -10.33
C ASP D 146 1.91 -32.35 -10.46
N LEU D 147 1.12 -31.34 -10.12
CA LEU D 147 -0.34 -31.40 -10.28
C LEU D 147 -0.74 -31.66 -11.75
N ALA D 148 -0.10 -30.97 -12.68
CA ALA D 148 -0.40 -31.15 -14.09
C ALA D 148 -0.10 -32.59 -14.49
N GLN D 149 0.97 -33.16 -13.93
CA GLN D 149 1.31 -34.54 -14.24
C GLN D 149 0.26 -35.50 -13.63
N GLU D 150 -0.18 -35.22 -12.41
CA GLU D 150 -1.23 -36.03 -11.80
C GLU D 150 -2.51 -35.96 -12.64
N VAL D 151 -2.78 -34.79 -13.21
CA VAL D 151 -3.97 -34.63 -14.04
C VAL D 151 -3.82 -35.47 -15.30
N GLN D 152 -2.66 -35.39 -15.91
CA GLN D 152 -2.38 -36.19 -17.10
C GLN D 152 -2.59 -37.69 -16.83
N THR D 153 -2.24 -38.16 -15.64
CA THR D 153 -2.41 -39.58 -15.36
C THR D 153 -3.88 -39.91 -15.18
N VAL D 154 -4.63 -39.00 -14.56
CA VAL D 154 -6.08 -39.11 -14.45
C VAL D 154 -6.76 -39.22 -15.83
N LEU D 155 -6.25 -38.49 -16.80
CA LEU D 155 -6.83 -38.49 -18.15
C LEU D 155 -6.49 -39.73 -18.99
N LYS D 156 -5.53 -40.53 -18.54
CA LYS D 156 -5.03 -41.59 -19.41
C LYS D 156 -6.11 -42.52 -19.98
N PRO D 157 -6.97 -43.07 -19.12
CA PRO D 157 -8.00 -43.99 -19.62
C PRO D 157 -9.19 -43.27 -20.31
N VAL D 158 -9.00 -42.03 -20.72
CA VAL D 158 -10.06 -41.25 -21.36
C VAL D 158 -9.94 -41.18 -22.88
N HIS D 159 -11.07 -41.39 -23.56
CA HIS D 159 -11.10 -41.59 -25.02
C HIS D 159 -10.95 -40.33 -25.88
N HIS D 160 -11.99 -39.52 -25.84
CA HIS D 160 -12.38 -38.64 -26.94
C HIS D 160 -11.61 -37.35 -27.13
N LYS D 161 -10.31 -37.46 -27.39
CA LYS D 161 -9.49 -36.28 -27.70
C LYS D 161 -9.71 -35.12 -26.74
N GLU D 162 -10.46 -35.36 -25.68
CA GLU D 162 -10.56 -34.38 -24.61
C GLU D 162 -9.33 -34.59 -23.76
N GLY D 163 -9.20 -35.82 -23.25
CA GLY D 163 -8.02 -36.23 -22.53
C GLY D 163 -6.78 -35.95 -23.35
N GLN D 164 -6.78 -36.43 -24.59
CA GLN D 164 -5.66 -36.21 -25.50
C GLN D 164 -5.33 -34.72 -25.75
N GLU D 165 -6.34 -33.92 -26.09
CA GLU D 165 -6.12 -32.50 -26.37
C GLU D 165 -5.50 -31.77 -25.17
N LEU D 166 -6.07 -32.00 -24.00
CA LEU D 166 -5.63 -31.32 -22.80
C LEU D 166 -4.23 -31.81 -22.42
N THR D 167 -3.99 -33.12 -22.56
CA THR D 167 -2.67 -33.66 -22.27
C THR D 167 -1.61 -33.00 -23.15
N ALA D 168 -1.92 -32.89 -24.44
CA ALA D 168 -1.03 -32.23 -25.39
C ALA D 168 -0.80 -30.75 -25.04
N LEU D 169 -1.86 -30.06 -24.64
CA LEU D 169 -1.77 -28.66 -24.21
C LEU D 169 -0.85 -28.49 -23.03
N LEU D 170 -1.05 -29.33 -22.03
CA LEU D 170 -0.23 -29.30 -20.83
C LEU D 170 1.23 -29.62 -21.17
N ASN D 171 1.44 -30.34 -22.26
CA ASN D 171 2.80 -30.68 -22.69
C ASN D 171 3.50 -29.66 -23.62
N THR D 172 2.80 -28.63 -24.08
CA THR D 172 3.46 -27.61 -24.90
C THR D 172 4.62 -26.90 -24.18
N PRO D 173 5.62 -26.44 -24.94
CA PRO D 173 6.72 -25.75 -24.28
C PRO D 173 6.26 -24.53 -23.46
N HIS D 174 5.28 -23.77 -23.96
CA HIS D 174 4.86 -22.55 -23.26
C HIS D 174 4.04 -22.85 -22.02
N ILE D 175 3.22 -23.91 -22.07
CA ILE D 175 2.45 -24.23 -20.86
C ILE D 175 3.35 -24.88 -19.79
N GLN D 176 4.28 -25.73 -20.22
CA GLN D 176 5.29 -26.28 -19.32
C GLN D 176 6.06 -25.15 -18.65
N ALA D 177 6.48 -24.16 -19.43
CA ALA D 177 7.22 -23.03 -18.91
C ALA D 177 6.38 -22.23 -17.91
N LEU D 178 5.08 -22.09 -18.19
CA LEU D 178 4.16 -21.37 -17.29
C LEU D 178 4.07 -22.05 -15.92
N LEU D 179 3.93 -23.37 -15.94
CA LEU D 179 3.86 -24.14 -14.71
C LEU D 179 5.20 -24.11 -13.98
N LEU D 180 6.30 -24.10 -14.73
CA LEU D 180 7.63 -24.04 -14.11
C LEU D 180 7.85 -22.68 -13.45
N ALA D 181 7.55 -21.61 -14.19
CA ALA D 181 7.64 -20.25 -13.66
C ALA D 181 6.81 -20.13 -12.41
N HIS D 182 5.59 -20.66 -12.47
CA HIS D 182 4.72 -20.68 -11.31
C HIS D 182 5.42 -21.24 -10.07
N ASP D 183 5.97 -22.43 -10.22
CA ASP D 183 6.61 -23.11 -9.10
C ASP D 183 7.91 -22.44 -8.68
N LYS D 184 8.66 -21.90 -9.64
CA LYS D 184 9.88 -21.18 -9.30
C LYS D 184 9.58 -19.89 -8.54
N VAL D 185 8.65 -19.11 -9.05
CA VAL D 185 8.29 -17.86 -8.40
C VAL D 185 7.71 -18.16 -7.02
N ALA D 186 6.95 -19.26 -6.92
CA ALA D 186 6.36 -19.66 -5.63
C ALA D 186 7.41 -19.93 -4.54
N GLU D 187 8.63 -20.31 -4.94
CA GLU D 187 9.75 -20.35 -3.98
C GLU D 187 10.33 -18.94 -3.89
N GLN D 188 9.79 -18.14 -2.96
CA GLN D 188 10.05 -16.70 -2.92
C GLN D 188 11.53 -16.34 -2.73
N GLU D 189 12.31 -17.28 -2.22
CA GLU D 189 13.74 -17.05 -2.00
C GLU D 189 14.57 -17.54 -3.17
N MET D 190 14.39 -18.82 -3.53
CA MET D 190 14.98 -19.35 -4.76
C MET D 190 14.60 -18.39 -5.87
N GLY D 191 15.57 -17.61 -6.32
CA GLY D 191 15.32 -16.44 -7.13
C GLY D 191 14.64 -16.67 -8.47
N GLY D 192 13.89 -15.67 -8.91
CA GLY D 192 13.40 -15.63 -10.27
C GLY D 192 12.31 -16.63 -10.62
N GLY D 193 12.22 -16.93 -11.89
CA GLY D 193 11.20 -17.83 -12.38
C GLY D 193 10.63 -17.32 -13.70
N LEU D 194 10.49 -16.00 -13.84
CA LEU D 194 9.86 -15.47 -15.06
C LEU D 194 10.69 -15.71 -16.32
N GLU D 195 12.01 -15.85 -16.16
CA GLU D 195 12.88 -15.97 -17.32
C GLU D 195 12.64 -17.26 -18.11
N VAL D 196 12.08 -18.28 -17.48
CA VAL D 196 11.91 -19.58 -18.16
C VAL D 196 10.83 -19.50 -19.24
N LEU D 197 10.00 -18.45 -19.16
CA LEU D 197 8.96 -18.24 -20.17
C LEU D 197 9.52 -17.75 -21.50
N PHE D 198 10.82 -17.45 -21.52
CA PHE D 198 11.47 -16.90 -22.70
C PHE D 198 12.48 -17.87 -23.31
N GLN D 199 12.54 -19.10 -22.79
CA GLN D 199 13.59 -20.01 -23.22
C GLN D 199 13.16 -20.85 -24.44
N GLY D 200 13.80 -20.60 -25.57
CA GLY D 200 13.59 -21.39 -26.77
C GLY D 200 12.13 -21.41 -27.21
N PRO D 201 11.57 -22.61 -27.41
CA PRO D 201 10.19 -22.73 -27.88
C PRO D 201 9.12 -22.28 -26.88
N ALA D 202 9.51 -22.07 -25.61
CA ALA D 202 8.56 -21.58 -24.62
C ALA D 202 8.10 -20.16 -24.94
N LEU D 203 8.98 -19.39 -25.57
CA LEU D 203 8.69 -18.00 -25.89
C LEU D 203 7.56 -17.93 -26.93
N VAL D 204 6.40 -17.43 -26.53
CA VAL D 204 5.25 -17.40 -27.41
C VAL D 204 4.51 -16.04 -27.33
N GLU D 205 3.80 -15.69 -28.40
CA GLU D 205 2.95 -14.51 -28.37
C GLU D 205 1.97 -14.59 -27.21
N PRO D 206 1.85 -13.51 -26.43
CA PRO D 206 0.95 -13.58 -25.27
C PRO D 206 -0.47 -13.95 -25.66
N LEU D 207 -0.95 -13.56 -26.85
CA LEU D 207 -2.28 -13.99 -27.28
C LEU D 207 -2.30 -15.50 -27.44
N GLY D 208 -1.20 -16.06 -27.94
CA GLY D 208 -1.05 -17.52 -28.02
C GLY D 208 -1.10 -18.22 -26.67
N LEU D 209 -0.28 -17.75 -25.72
CA LEU D 209 -0.35 -18.25 -24.34
C LEU D 209 -1.76 -18.20 -23.76
N GLU D 210 -2.44 -17.06 -23.88
CA GLU D 210 -3.79 -16.89 -23.30
C GLU D 210 -4.83 -17.82 -23.94
N ARG D 211 -4.74 -17.98 -25.25
CA ARG D 211 -5.62 -18.91 -25.95
C ARG D 211 -5.48 -20.33 -25.39
N ASP D 212 -4.24 -20.78 -25.23
CA ASP D 212 -4.00 -22.13 -24.74
C ASP D 212 -4.35 -22.32 -23.28
N VAL D 213 -4.04 -21.34 -22.44
CA VAL D 213 -4.47 -21.43 -21.05
C VAL D 213 -5.99 -21.46 -20.98
N SER D 214 -6.63 -20.57 -21.72
CA SER D 214 -8.10 -20.55 -21.72
C SER D 214 -8.68 -21.84 -22.26
N ARG D 215 -8.08 -22.38 -23.34
CA ARG D 215 -8.53 -23.68 -23.83
C ARG D 215 -8.34 -24.79 -22.81
N ALA D 216 -7.23 -24.76 -22.07
CA ALA D 216 -7.01 -25.75 -21.02
C ALA D 216 -8.13 -25.70 -19.99
N VAL D 217 -8.44 -24.49 -19.54
CA VAL D 217 -9.53 -24.29 -18.58
C VAL D 217 -10.86 -24.87 -19.12
N GLU D 218 -11.17 -24.59 -20.38
CA GLU D 218 -12.41 -25.13 -20.95
C GLU D 218 -12.44 -26.65 -20.96
N LEU D 219 -11.34 -27.27 -21.35
CA LEU D 219 -11.27 -28.73 -21.36
C LEU D 219 -11.37 -29.29 -19.93
N LEU D 220 -10.70 -28.64 -18.98
CA LEU D 220 -10.81 -29.04 -17.58
C LEU D 220 -12.28 -29.02 -17.13
N GLU D 221 -12.99 -27.96 -17.50
CA GLU D 221 -14.42 -27.86 -17.16
C GLU D 221 -15.26 -28.96 -17.82
N ARG D 222 -15.04 -29.21 -19.10
CA ARG D 222 -15.77 -30.26 -19.81
C ARG D 222 -15.54 -31.61 -19.18
N LEU D 223 -14.28 -31.93 -18.91
CA LEU D 223 -13.93 -33.22 -18.37
C LEU D 223 -14.52 -33.43 -16.97
N GLN D 224 -14.77 -32.34 -16.27
CA GLN D 224 -15.38 -32.41 -14.94
C GLN D 224 -16.90 -32.63 -14.98
N ARG D 225 -17.58 -31.98 -15.93
CA ARG D 225 -19.04 -32.08 -15.99
C ARG D 225 -19.54 -33.43 -16.51
N SER D 226 -18.71 -34.12 -17.27
CA SER D 226 -19.10 -35.41 -17.83
C SER D 226 -19.28 -36.44 -16.72
N GLY D 227 -18.76 -36.14 -15.54
CA GLY D 227 -18.85 -37.05 -14.42
C GLY D 227 -18.27 -38.41 -14.76
N GLU D 228 -17.45 -38.45 -15.80
CA GLU D 228 -16.84 -39.70 -16.23
C GLU D 228 -15.60 -40.04 -15.41
N LEU D 229 -15.13 -39.08 -14.60
CA LEU D 229 -13.93 -39.28 -13.78
C LEU D 229 -13.89 -38.33 -12.57
N PRO D 230 -13.13 -38.71 -11.54
CA PRO D 230 -13.02 -37.90 -10.31
C PRO D 230 -12.52 -36.48 -10.59
N PRO D 231 -13.32 -35.45 -10.28
CA PRO D 231 -12.97 -34.07 -10.66
C PRO D 231 -11.92 -33.39 -9.77
N GLN D 232 -11.64 -33.93 -8.58
CA GLN D 232 -10.75 -33.28 -7.62
C GLN D 232 -9.52 -32.60 -8.22
N LYS D 233 -8.67 -33.39 -8.88
CA LYS D 233 -7.41 -32.90 -9.44
C LYS D 233 -7.61 -31.95 -10.61
N LEU D 234 -8.64 -32.19 -11.41
CA LEU D 234 -8.95 -31.31 -12.53
C LEU D 234 -9.39 -29.93 -12.01
N GLN D 235 -10.23 -29.94 -10.98
CA GLN D 235 -10.68 -28.70 -10.35
C GLN D 235 -9.47 -27.93 -9.82
N ALA D 236 -8.54 -28.64 -9.21
CA ALA D 236 -7.40 -27.98 -8.57
C ALA D 236 -6.53 -27.30 -9.62
N LEU D 237 -6.32 -27.96 -10.76
CA LEU D 237 -5.50 -27.37 -11.82
C LEU D 237 -6.19 -26.16 -12.45
N GLN D 238 -7.50 -26.28 -12.63
CA GLN D 238 -8.27 -25.16 -13.17
C GLN D 238 -8.10 -23.94 -12.27
N ARG D 239 -8.25 -24.15 -10.97
CA ARG D 239 -8.07 -23.07 -10.01
C ARG D 239 -6.67 -22.51 -10.05
N VAL D 240 -5.68 -23.38 -10.24
CA VAL D 240 -4.31 -22.87 -10.28
C VAL D 240 -4.13 -21.97 -11.50
N LEU D 241 -4.65 -22.42 -12.63
CA LEU D 241 -4.52 -21.67 -13.87
C LEU D 241 -5.30 -20.37 -13.79
N GLN D 242 -6.39 -20.37 -13.03
CA GLN D 242 -7.23 -19.19 -12.88
C GLN D 242 -6.86 -18.32 -11.67
N SER D 243 -5.88 -18.78 -10.88
CA SER D 243 -5.50 -18.08 -9.66
C SER D 243 -4.95 -16.65 -9.92
N ARG D 244 -5.11 -15.76 -8.94
CA ARG D 244 -4.52 -14.42 -9.05
C ARG D 244 -3.02 -14.53 -9.26
N PHE D 245 -2.39 -15.52 -8.62
CA PHE D 245 -0.94 -15.67 -8.69
C PHE D 245 -0.53 -16.04 -10.10
N CYS D 246 -1.20 -17.03 -10.69
CA CYS D 246 -0.95 -17.37 -12.09
C CYS D 246 -1.26 -16.21 -13.06
N SER D 247 -2.37 -15.52 -12.82
CA SER D 247 -2.78 -14.43 -13.69
C SER D 247 -1.74 -13.32 -13.68
N ALA D 248 -1.20 -13.02 -12.50
CA ALA D 248 -0.13 -12.03 -12.39
C ALA D 248 1.10 -12.41 -13.22
N ILE D 249 1.49 -13.69 -13.16
CA ILE D 249 2.63 -14.14 -13.94
C ILE D 249 2.35 -13.91 -15.42
N ARG D 250 1.16 -14.28 -15.87
CA ARG D 250 0.79 -14.12 -17.28
C ARG D 250 0.76 -12.64 -17.69
N GLU D 251 0.22 -11.80 -16.82
CA GLU D 251 0.17 -10.37 -17.12
C GLU D 251 1.56 -9.77 -17.22
N VAL D 252 2.42 -10.11 -16.28
CA VAL D 252 3.79 -9.60 -16.28
C VAL D 252 4.54 -10.12 -17.52
N TYR D 253 4.27 -11.36 -17.90
CA TYR D 253 4.87 -11.92 -19.11
C TYR D 253 4.51 -11.09 -20.37
N GLU D 254 3.23 -10.78 -20.51
CA GLU D 254 2.77 -10.01 -21.67
C GLU D 254 3.46 -8.64 -21.69
N GLN D 255 3.50 -8.00 -20.52
CA GLN D 255 4.18 -6.70 -20.42
C GLN D 255 5.67 -6.77 -20.76
N LEU D 256 6.34 -7.81 -20.28
CA LEU D 256 7.74 -8.02 -20.67
C LEU D 256 7.89 -8.32 -22.17
N TYR D 257 7.07 -9.24 -22.66
CA TYR D 257 7.08 -9.57 -24.09
C TYR D 257 6.97 -8.29 -24.92
N ASP D 258 6.08 -7.41 -24.49
CA ASP D 258 5.88 -6.16 -25.22
C ASP D 258 7.12 -5.26 -25.28
N THR D 259 8.08 -5.47 -24.39
CA THR D 259 9.31 -4.67 -24.45
C THR D 259 10.37 -5.28 -25.36
N LEU D 260 10.15 -6.51 -25.82
CA LEU D 260 11.12 -7.12 -26.73
C LEU D 260 11.21 -6.30 -27.99
N ASP D 261 12.44 -6.10 -28.45
CA ASP D 261 12.70 -5.40 -29.68
C ASP D 261 13.91 -6.07 -30.27
N ILE D 262 14.08 -5.95 -31.58
CA ILE D 262 15.19 -6.61 -32.25
C ILE D 262 16.47 -5.78 -32.14
N THR D 263 17.50 -6.37 -31.54
CA THR D 263 18.80 -5.73 -31.45
C THR D 263 19.22 -5.24 -32.83
N GLY D 264 19.06 -3.93 -33.06
CA GLY D 264 19.29 -3.33 -34.36
C GLY D 264 18.00 -3.02 -35.11
C ACT E . 1.57 13.15 8.83
O ACT E . 1.47 13.56 7.65
OXT ACT E . 1.23 13.93 9.76
CH3 ACT E . 2.05 11.78 9.12
C ACT F . 24.13 -10.72 6.03
O ACT F . 25.15 -11.43 5.83
OXT ACT F . 24.27 -9.47 6.00
CH3 ACT F . 22.79 -11.36 6.29
C ACT G . 9.71 11.01 -0.22
O ACT G . 9.35 11.12 0.98
OXT ACT G . 10.79 10.42 -0.42
CH3 ACT G . 8.87 11.56 -1.34
C ACT H . 13.79 1.90 -15.92
O ACT H . 12.76 1.27 -16.25
OXT ACT H . 14.83 1.61 -16.55
CH3 ACT H . 13.79 2.91 -14.82
C ACT I . -3.29 36.08 -0.69
O ACT I . -4.24 35.41 -0.22
OXT ACT I . -2.42 36.45 0.13
CH3 ACT I . -3.20 36.41 -2.15
C ACT J . 19.06 40.31 7.73
O ACT J . 18.28 41.11 7.17
OXT ACT J . 19.53 39.40 7.00
CH3 ACT J . 19.40 40.42 9.19
C ACT K . 20.35 30.13 -2.32
O ACT K . 19.23 29.74 -1.95
OXT ACT K . 21.30 29.91 -1.54
CH3 ACT K . 20.56 30.81 -3.64
C ACT L . 13.60 20.55 8.43
O ACT L . 12.55 20.20 7.85
OXT ACT L . 13.90 19.87 9.44
CH3 ACT L . 14.44 21.70 7.97
C ACT M . -11.11 6.70 -8.70
O ACT M . -11.43 7.36 -9.72
OXT ACT M . -10.48 5.62 -8.86
CH3 ACT M . -11.47 7.17 -7.35
C ACT N . -7.12 -25.35 -5.57
O ACT N . -8.17 -24.69 -5.49
OXT ACT N . -7.22 -26.58 -5.31
CH3 ACT N . -5.82 -24.73 -5.97
C ACT O . -5.24 -14.65 -3.45
O ACT O . -5.71 -13.48 -3.40
OXT ACT O . -6.04 -15.60 -3.22
CH3 ACT O . -3.80 -14.93 -3.75
C ACT P . -14.76 -0.24 0.57
O ACT P . -14.13 0.14 -0.45
OXT ACT P . -15.12 -1.44 0.57
CH3 ACT P . -15.05 0.69 1.72
C ACT Q . -3.07 -30.75 -5.36
O ACT Q . -3.96 -31.63 -5.35
OXT ACT Q . -1.88 -31.14 -5.49
CH3 ACT Q . -3.39 -29.29 -5.23
C ACT R . 1.44 23.15 14.11
O ACT R . 2.06 22.34 14.87
OXT ACT R . 0.86 24.12 14.65
CH3 ACT R . 1.42 22.98 12.62
C ACT S . 6.55 -3.49 13.02
O ACT S . 7.42 -3.32 12.14
OXT ACT S . 6.03 -4.64 13.06
CH3 ACT S . 6.13 -2.38 13.95
C ACT T . -18.73 13.03 -14.34
O ACT T . -18.61 13.06 -13.10
OXT ACT T . -19.24 14.03 -14.90
CH3 ACT T . -18.29 11.84 -15.11
C ACT U . -1.41 -7.79 -12.12
O ACT U . -1.97 -7.11 -13.01
OXT ACT U . -0.20 -8.03 -12.31
CH3 ACT U . -2.14 -8.27 -10.90
C ACT V . 7.87 7.60 -18.05
O ACT V . 7.59 7.87 -19.23
OXT ACT V . 7.80 6.40 -17.71
CH3 ACT V . 8.24 8.67 -17.07
C ACT W . -6.01 -40.08 -28.11
O ACT W . -7.15 -39.58 -27.99
OXT ACT W . -5.46 -40.44 -27.04
CH3 ACT W . -5.36 -40.23 -29.45
C ACT X . -21.82 -39.17 -19.49
O ACT X . -22.76 -39.98 -19.65
OXT ACT X . -22.08 -38.17 -18.78
CH3 ACT X . -20.47 -39.37 -20.14
#